data_6PX3
#
_entry.id   6PX3
#
_cell.length_a   1.00
_cell.length_b   1.00
_cell.length_c   1.00
_cell.angle_alpha   90.00
_cell.angle_beta   90.00
_cell.angle_gamma   90.00
#
_symmetry.space_group_name_H-M   'P 1'
#
loop_
_entity.id
_entity.type
_entity.pdbx_description
1 polymer 'Histone H3'
2 polymer 'Histone H4'
3 polymer 'Ubiquitin-60S ribosomal protein L40,Histone H2A'
4 polymer 'Histone H2B 1.1'
5 polymer 'DNA (145-MER)'
6 polymer 'DNA (145-MER)'
7 polymer 'Histone-lysine N-methyltransferase'
8 non-polymer 'ZINC ION'
#
loop_
_entity_poly.entity_id
_entity_poly.type
_entity_poly.pdbx_seq_one_letter_code
_entity_poly.pdbx_strand_id
1 'polypeptide(L)'
;MARTKQTARKSTGGKAPRKQLATKAARKSAPATGGVMKPHRYRPGTVALREIRRYQKSTELLIRKLPFQRLVREIAQDFK
TDLRFQSSAVMALQEASEAYLVALFEDTNLCAIHAKRVTIMPKDIQLARRIRGERA
;
A,E
2 'polypeptide(L)'
;MSGRGKGGKGLGKGGAKRHRKVLRDNIQGITKPAIRRLARRGGVKRISGLIYEETRGVLKVFLENVIRDAVTYTEHAKRK
TVTAMDVVYALKRQGRTLYGFGG
;
B,F
3 'polypeptide(L)'
;MDSPDLHHHHHHGTLVPRGSMQIFVKTLTGKTITLEVESSDTIDNVKSKIQDKEGIPPDQQRLIFAGKQLEDGRTLSDYN
IQKESTLHLVLRLRGTSSGGSGGSGGSGRSSRAGLQFPVGRVHRLLRKGNYAERVGAGAPVYLAAVLEYLTAEILELAGN
AARDNKKTRIIPRHLQLAVRNDEELNKLLGRVTIAQGGVLPNIQSVLLPKKTESSKSAKSK
;
C,G
4 'polypeptide(L)'
;MAKSAPAPKKGSKKAVTKTQKKDGKKRRKTRKESYAIYVYKVLKQVHPDTGISSKAMSIMNSFVNDVFERIAGEASRLAH
YNKRSTITSREIQTAVRLLLPGELAKHAVSEGTKAVTKYTSAK
;
D,H
5 'polydeoxyribonucleotide'
;(DC)(DT)(DG)(DG)(DA)(DG)(DA)(DA)(DT)(DC)(DC)(DC)(DG)(DG)(DT)(DG)(DC)(DC)(DG)(DA)
(DG)(DG)(DC)(DC)(DG)(DC)(DT)(DC)(DA)(DA)(DT)(DT)(DG)(DG)(DT)(DC)(DG)(DT)(DA)(DG)
(DA)(DC)(DA)(DG)(DC)(DT)(DC)(DT)(DA)(DG)(DC)(DA)(DC)(DC)(DG)(DC)(DT)(DT)(DA)(DA)
(DA)(DC)(DG)(DC)(DA)(DC)(DG)(DT)(DA)(DC)(DG)(DC)(DG)(DC)(DT)(DG)(DT)(DC)(DC)(DC)
(DC)(DC)(DG)(DC)(DG)(DT)(DT)(DT)(DT)(DA)(DA)(DC)(DC)(DG)(DC)(DC)(DA)(DA)(DG)(DG)
(DG)(DG)(DA)(DT)(DT)(DA)(DC)(DT)(DC)(DC)(DC)(DT)(DA)(DG)(DT)(DC)(DT)(DC)(DC)(DA)
(DG)(DG)(DC)(DA)(DC)(DG)(DT)(DG)(DT)(DC)(DA)(DG)(DA)(DT)(DA)(DT)(DA)(DT)(DA)(DC)
(DA)(DT)(DC)(DC)(DT)(DG)(DT)(DG)(DC)
;
I
6 'polydeoxyribonucleotide'
;(DG)(DC)(DA)(DC)(DA)(DG)(DG)(DA)(DT)(DG)(DT)(DA)(DT)(DA)(DT)(DA)(DT)(DC)(DT)(DG)
(DA)(DC)(DA)(DC)(DG)(DT)(DG)(DC)(DC)(DT)(DG)(DG)(DA)(DG)(DA)(DC)(DT)(DA)(DG)(DG)
(DG)(DA)(DG)(DT)(DA)(DA)(DT)(DC)(DC)(DC)(DC)(DT)(DT)(DG)(DG)(DC)(DG)(DG)(DT)(DT)
(DA)(DA)(DA)(DA)(DC)(DG)(DC)(DG)(DG)(DG)(DG)(DG)(DA)(DC)(DA)(DG)(DC)(DG)(DC)(DG)
(DT)(DA)(DC)(DG)(DT)(DG)(DC)(DG)(DT)(DT)(DT)(DA)(DA)(DG)(DC)(DG)(DG)(DT)(DG)(DC)
(DT)(DA)(DG)(DA)(DG)(DC)(DT)(DG)(DT)(DC)(DT)(DA)(DC)(DG)(DA)(DC)(DC)(DA)(DA)(DT)
(DT)(DG)(DA)(DG)(DC)(DG)(DG)(DC)(DC)(DT)(DC)(DG)(DG)(DC)(DA)(DC)(DC)(DG)(DG)(DG)
(DA)(DT)(DT)(DC)(DT)(DC)(DC)(DA)(DG)
;
J
7 'polypeptide(L)'
;MEASDRASGPTAGSKSEERTKQNGPRSKKEDASDSSTSTGSKSASRSSSATTMSPDDAKPADDSALAQENGVAPKPSRKS
SKLPPRNPPQLFNHLPDATEEACRTFQVISDCLYGSRNMGSSDHDALDCDCAEDWRDGKNHACGEDSDCINRATKIECVI
GDCNCGEGCQNQRFQRKQYAKVSVIKTEKKGYGLRADTDLQPNDFIYEYVGEVINEPTFRSRMLKYDKEGIKHFYFMSLT
KNEFVDATKKGNLGRFCNHSCNPNCYVDKWVVGDKLRMGIFAARYIKAGEELVFNYNVDRYGADPQPCYCGEPNCVGFIG
GKTQTERATKLPLATIEALGIEDGDSWDTTVAKKPRKKKASETDEEYVNSLQPKALDEDGVNKVMATLMQCKEKWIAVKL
LSRLQATQDDHLRHRVVRMHGYQILKSTLNAFKHDNNVVLQVLDILYNLPRITKNKISDSNIEAVVQPLASSSDERVAFE
AKRLLEEWDKLETAYRIPRKKDGRVVSAIANSFEEERRSNREEPTKPADPLANVVIPTGPRSNIPQRNANYYNGVRPRKP
PTNLPEGWFVTVDKKTGKYYFYDVNGKVQWQRPTAPAITTPKPSVKAQQDQKALQDIIDSLTKEPTPRQSAGHTPQRSST
PATEPKKEKWRSLPIEKQMKIYENTLFPHVKYVMDKFHGKLPREDLKKFARDVNKKLVASDYKHNRVQDPTVPLSSKQAK
KVRKYVYDFFDRALQKYLEYQKRKAQYTSKEGMQSSQTEQNTATPTGTLGKDVDEVMSDVEAPNSSPQSTSSAGRKRKRD
DDQDGDHDMRSPADEDAATSSDPPSVKRIKEDDGTGNDVIPSPPPPPPPPAEIPMTEEERSMREQEEALMRENEEAQRLE
DEAKRKQLELQNGLAAAKNAGIELGSASFTVSGEPMDVDNDGPPPQEQAQQQKQAVMSH
;
S
#
# COMPACT_ATOMS: atom_id res chain seq x y z
N PRO A 39 47.22 8.70 28.12
CA PRO A 39 46.78 8.19 26.83
C PRO A 39 45.95 6.92 26.95
N HIS A 40 44.77 7.03 27.55
CA HIS A 40 43.88 5.90 27.71
C HIS A 40 42.57 6.20 27.00
N ARG A 41 42.34 5.51 25.88
CA ARG A 41 41.19 5.78 25.04
C ARG A 41 40.27 4.57 24.99
N TYR A 42 38.97 4.84 24.98
CA TYR A 42 37.99 3.79 24.79
C TYR A 42 37.89 3.38 23.33
N ARG A 43 37.46 2.14 23.10
CA ARG A 43 37.30 1.64 21.75
C ARG A 43 36.10 2.29 21.08
N PRO A 44 36.15 2.46 19.75
CA PRO A 44 35.03 3.08 19.03
C PRO A 44 33.73 2.29 19.08
N GLY A 45 32.94 2.53 20.12
CA GLY A 45 31.67 1.85 20.27
C GLY A 45 31.22 1.57 21.69
N THR A 46 32.14 1.43 22.65
CA THR A 46 31.73 1.22 24.04
C THR A 46 31.09 2.48 24.63
N VAL A 47 31.56 3.66 24.21
CA VAL A 47 30.97 4.91 24.66
C VAL A 47 29.56 5.03 24.13
N ALA A 48 29.32 4.54 22.91
CA ALA A 48 27.98 4.48 22.34
C ALA A 48 27.04 3.66 23.21
N LEU A 49 27.48 2.46 23.64
CA LEU A 49 26.65 1.62 24.50
C LEU A 49 26.41 2.27 25.87
N ARG A 50 27.42 2.91 26.45
CA ARG A 50 27.19 3.59 27.73
C ARG A 50 26.21 4.75 27.57
N GLU A 51 26.28 5.47 26.45
CA GLU A 51 25.28 6.52 26.20
C GLU A 51 23.90 5.94 25.97
N ILE A 52 23.82 4.79 25.29
CA ILE A 52 22.53 4.12 25.10
C ILE A 52 21.90 3.78 26.43
N ARG A 53 22.65 3.13 27.32
CA ARG A 53 22.15 2.81 28.67
C ARG A 53 21.77 4.07 29.45
N ARG A 54 22.56 5.13 29.31
CA ARG A 54 22.29 6.38 30.01
C ARG A 54 21.00 7.04 29.53
N TYR A 55 20.87 7.28 28.22
CA TYR A 55 19.69 7.98 27.72
C TYR A 55 18.44 7.10 27.72
N GLN A 56 18.58 5.78 27.68
CA GLN A 56 17.41 4.94 27.88
C GLN A 56 17.02 4.85 29.34
N LYS A 57 17.96 5.16 30.24
CA LYS A 57 17.64 5.13 31.66
C LYS A 57 16.99 6.43 32.11
N SER A 58 17.38 7.56 31.54
CA SER A 58 16.81 8.84 31.95
C SER A 58 15.58 9.17 31.11
N THR A 59 14.82 10.16 31.58
CA THR A 59 13.56 10.59 30.97
C THR A 59 13.55 12.12 30.95
N GLU A 60 14.04 12.71 29.88
CA GLU A 60 14.05 14.15 29.73
C GLU A 60 14.10 14.45 28.24
N LEU A 61 13.61 15.63 27.87
CA LEU A 61 13.64 16.04 26.47
C LEU A 61 15.08 16.22 26.00
N LEU A 62 15.38 15.68 24.82
CA LEU A 62 16.74 15.65 24.32
C LEU A 62 17.04 16.75 23.32
N ILE A 63 16.04 17.47 22.88
CA ILE A 63 16.25 18.58 21.96
C ILE A 63 16.30 19.84 22.79
N ARG A 64 17.13 20.80 22.38
CA ARG A 64 17.26 22.05 23.11
C ARG A 64 15.98 22.86 22.94
N LYS A 65 15.40 23.26 24.08
CA LYS A 65 14.10 23.93 24.21
C LYS A 65 13.93 25.13 23.30
N LEU A 66 14.75 26.17 23.49
CA LEU A 66 14.64 27.39 22.69
C LEU A 66 14.83 27.20 21.18
N PRO A 67 15.87 26.47 20.67
CA PRO A 67 15.89 26.19 19.22
C PRO A 67 14.66 25.48 18.70
N PHE A 68 14.11 24.53 19.48
CA PHE A 68 12.90 23.84 19.05
C PHE A 68 11.71 24.79 19.04
N GLN A 69 11.64 25.71 20.01
CA GLN A 69 10.57 26.69 20.02
C GLN A 69 10.67 27.63 18.83
N ARG A 70 11.89 27.96 18.41
CA ARG A 70 12.05 28.79 17.22
C ARG A 70 11.64 28.02 15.97
N LEU A 71 11.95 26.72 15.93
CA LEU A 71 11.49 25.87 14.83
C LEU A 71 9.97 25.81 14.76
N VAL A 72 9.32 25.64 15.91
CA VAL A 72 7.86 25.58 15.97
C VAL A 72 7.23 26.89 15.50
N ARG A 73 7.72 28.02 16.02
CA ARG A 73 7.19 29.32 15.61
C ARG A 73 7.43 29.60 14.13
N GLU A 74 8.59 29.20 13.61
CA GLU A 74 8.89 29.38 12.19
C GLU A 74 7.92 28.57 11.32
N ILE A 75 7.70 27.30 11.67
CA ILE A 75 6.74 26.47 10.95
C ILE A 75 5.33 27.06 11.04
N ALA A 76 4.99 27.63 12.20
CA ALA A 76 3.67 28.20 12.39
C ALA A 76 3.45 29.50 11.64
N GLN A 77 4.54 30.23 11.33
CA GLN A 77 4.42 31.49 10.60
C GLN A 77 3.78 31.30 9.22
N ASP A 78 4.05 30.19 8.54
CA ASP A 78 3.53 30.04 7.18
C ASP A 78 2.03 29.72 7.11
N PHE A 79 1.32 29.64 8.23
CA PHE A 79 -0.11 29.37 8.24
C PHE A 79 -0.92 30.55 8.74
N LYS A 80 -0.47 31.19 9.82
CA LYS A 80 -1.15 32.37 10.32
C LYS A 80 -0.12 33.26 11.01
N THR A 81 -0.22 34.56 10.77
CA THR A 81 0.77 35.51 11.26
C THR A 81 0.48 35.89 12.70
N ASP A 82 1.55 36.01 13.49
CA ASP A 82 1.54 36.40 14.91
C ASP A 82 0.71 35.42 15.75
N LEU A 83 1.15 34.17 15.72
CA LEU A 83 0.55 33.14 16.55
C LEU A 83 1.27 33.10 17.91
N ARG A 84 0.49 32.86 18.95
CA ARG A 84 1.03 32.67 20.29
C ARG A 84 0.95 31.19 20.67
N PHE A 85 1.86 30.75 21.51
CA PHE A 85 1.89 29.36 21.93
C PHE A 85 1.93 29.27 23.45
N GLN A 86 1.04 28.45 24.01
CA GLN A 86 1.17 28.06 25.40
C GLN A 86 2.41 27.19 25.56
N SER A 87 3.07 27.32 26.72
CA SER A 87 4.25 26.52 27.05
C SER A 87 3.94 25.03 27.01
N SER A 88 2.75 24.65 27.47
CA SER A 88 2.38 23.24 27.47
C SER A 88 2.19 22.71 26.05
N ALA A 89 1.77 23.56 25.11
CA ALA A 89 1.65 23.12 23.73
C ALA A 89 3.02 22.86 23.11
N VAL A 90 4.01 23.69 23.43
CA VAL A 90 5.36 23.48 22.92
C VAL A 90 5.98 22.25 23.56
N MET A 91 5.67 22.00 24.84
CA MET A 91 6.15 20.80 25.50
C MET A 91 5.52 19.55 24.89
N ALA A 92 4.22 19.60 24.61
CA ALA A 92 3.54 18.48 23.96
C ALA A 92 4.09 18.21 22.57
N LEU A 93 4.43 19.27 21.84
CA LEU A 93 5.03 19.10 20.51
C LEU A 93 6.41 18.47 20.61
N GLN A 94 7.21 18.91 21.59
CA GLN A 94 8.55 18.36 21.77
C GLN A 94 8.50 16.91 22.20
N GLU A 95 7.56 16.57 23.08
CA GLU A 95 7.36 15.19 23.49
C GLU A 95 6.97 14.29 22.31
N ALA A 96 6.00 14.74 21.50
CA ALA A 96 5.57 13.94 20.36
C ALA A 96 6.68 13.82 19.31
N SER A 97 7.46 14.88 19.14
CA SER A 97 8.56 14.90 18.18
C SER A 97 9.64 13.92 18.60
N GLU A 98 10.00 13.93 19.89
CA GLU A 98 11.02 13.03 20.39
C GLU A 98 10.56 11.59 20.34
N ALA A 99 9.30 11.32 20.73
CA ALA A 99 8.79 9.95 20.70
C ALA A 99 8.71 9.40 19.27
N TYR A 100 8.29 10.23 18.32
CA TYR A 100 8.20 9.78 16.93
C TYR A 100 9.59 9.49 16.37
N LEU A 101 10.55 10.38 16.63
CA LEU A 101 11.91 10.14 16.18
C LEU A 101 12.52 8.91 16.83
N VAL A 102 12.29 8.71 18.12
CA VAL A 102 12.78 7.52 18.83
C VAL A 102 12.25 6.24 18.20
N ALA A 103 10.93 6.19 17.94
CA ALA A 103 10.36 5.01 17.30
C ALA A 103 10.91 4.80 15.88
N LEU A 104 11.05 5.88 15.12
CA LEU A 104 11.62 5.81 13.77
C LEU A 104 13.06 5.31 13.80
N PHE A 105 13.88 5.79 14.74
CA PHE A 105 15.26 5.36 14.83
C PHE A 105 15.37 3.92 15.33
N GLU A 106 14.47 3.48 16.22
CA GLU A 106 14.46 2.09 16.64
C GLU A 106 14.16 1.16 15.47
N ASP A 107 13.19 1.51 14.62
CA ASP A 107 12.89 0.65 13.48
C ASP A 107 13.98 0.74 12.42
N THR A 108 14.55 1.93 12.22
CA THR A 108 15.71 2.08 11.33
C THR A 108 16.89 1.24 11.81
N ASN A 109 17.08 1.17 13.12
CA ASN A 109 18.13 0.32 13.68
C ASN A 109 17.85 -1.15 13.42
N LEU A 110 16.59 -1.57 13.56
CA LEU A 110 16.23 -2.95 13.24
C LEU A 110 16.48 -3.28 11.78
N CYS A 111 16.27 -2.30 10.89
CA CYS A 111 16.56 -2.50 9.47
C CYS A 111 18.06 -2.63 9.23
N ALA A 112 18.84 -1.76 9.90
CA ALA A 112 20.28 -1.79 9.82
C ALA A 112 20.84 -3.13 10.28
N ILE A 113 20.39 -3.62 11.44
CA ILE A 113 20.81 -4.92 11.94
C ILE A 113 20.36 -6.03 10.98
N HIS A 114 19.18 -5.88 10.38
CA HIS A 114 18.70 -6.84 9.39
C HIS A 114 19.59 -6.89 8.15
N ALA A 115 20.20 -5.78 7.76
CA ALA A 115 21.07 -5.76 6.59
C ALA A 115 22.52 -6.09 6.90
N LYS A 116 22.76 -6.80 8.02
CA LYS A 116 24.10 -7.20 8.49
C LYS A 116 25.04 -6.00 8.67
N ARG A 117 24.51 -4.94 9.25
CA ARG A 117 25.28 -3.75 9.57
C ARG A 117 24.95 -3.31 10.98
N VAL A 118 25.76 -2.39 11.51
CA VAL A 118 25.52 -1.80 12.81
C VAL A 118 25.33 -0.29 12.74
N THR A 119 25.41 0.31 11.56
CA THR A 119 25.21 1.75 11.40
C THR A 119 23.92 1.97 10.62
N ILE A 120 23.37 3.18 10.72
CA ILE A 120 22.16 3.51 9.98
C ILE A 120 22.49 4.43 8.82
N MET A 121 21.75 4.27 7.72
CA MET A 121 21.94 5.04 6.50
C MET A 121 20.61 5.68 6.14
N PRO A 122 20.63 6.76 5.33
CA PRO A 122 19.36 7.40 4.90
C PRO A 122 18.34 6.48 4.27
N LYS A 123 18.79 5.54 3.45
CA LYS A 123 17.88 4.58 2.84
C LYS A 123 17.21 3.66 3.86
N ASP A 124 17.81 3.49 5.05
CA ASP A 124 17.13 2.75 6.11
C ASP A 124 15.96 3.55 6.68
N ILE A 125 16.15 4.86 6.88
CA ILE A 125 15.04 5.71 7.32
C ILE A 125 13.95 5.76 6.27
N GLN A 126 14.34 5.85 4.99
CA GLN A 126 13.34 5.87 3.91
C GLN A 126 12.59 4.54 3.84
N LEU A 127 13.29 3.42 4.07
CA LEU A 127 12.65 2.12 4.13
C LEU A 127 11.67 2.04 5.29
N ALA A 128 12.09 2.47 6.48
CA ALA A 128 11.23 2.46 7.67
C ALA A 128 9.95 3.27 7.46
N ARG A 129 10.10 4.49 6.94
CA ARG A 129 8.92 5.32 6.68
C ARG A 129 8.05 4.74 5.58
N ARG A 130 8.65 4.06 4.59
CA ARG A 130 7.87 3.42 3.54
C ARG A 130 7.04 2.27 4.11
N ILE A 131 7.66 1.42 4.95
CA ILE A 131 6.93 0.33 5.62
C ILE A 131 5.80 0.89 6.49
N ARG A 132 6.06 1.99 7.20
CA ARG A 132 5.03 2.60 8.03
C ARG A 132 3.86 3.12 7.20
N GLY A 133 4.13 3.65 6.01
CA GLY A 133 3.04 4.06 5.15
C GLY A 133 2.95 5.50 4.69
N GLU A 134 4.05 6.24 4.71
CA GLU A 134 3.99 7.61 4.21
C GLU A 134 4.38 7.62 2.73
N ARG B 24 13.44 31.40 8.49
CA ARG B 24 14.85 31.46 8.15
C ARG B 24 15.48 30.07 8.19
N ASP B 25 16.79 30.04 8.44
CA ASP B 25 17.55 28.80 8.54
C ASP B 25 17.66 28.30 9.98
N ASN B 26 16.64 28.59 10.80
CA ASN B 26 16.62 28.18 12.19
C ASN B 26 16.38 26.69 12.39
N ILE B 27 16.10 25.93 11.33
CA ILE B 27 15.89 24.48 11.47
C ILE B 27 17.21 23.78 11.82
N GLN B 28 18.35 24.41 11.56
CA GLN B 28 19.64 23.90 12.01
C GLN B 28 19.85 24.05 13.51
N GLY B 29 18.91 24.68 14.22
CA GLY B 29 18.97 24.73 15.67
C GLY B 29 18.92 23.37 16.31
N ILE B 30 18.18 22.44 15.71
CA ILE B 30 18.28 21.04 16.11
C ILE B 30 19.63 20.56 15.62
N THR B 31 20.60 20.45 16.52
CA THR B 31 21.97 20.24 16.11
C THR B 31 22.30 18.77 16.00
N LYS B 32 23.50 18.50 15.46
CA LYS B 32 24.03 17.15 15.32
C LYS B 32 24.07 16.34 16.62
N PRO B 33 24.65 16.79 17.74
CA PRO B 33 24.63 15.93 18.94
C PRO B 33 23.25 15.70 19.53
N ALA B 34 22.28 16.58 19.30
CA ALA B 34 20.94 16.33 19.82
C ALA B 34 20.26 15.20 19.06
N ILE B 35 20.45 15.19 17.73
CA ILE B 35 19.97 14.08 16.91
C ILE B 35 20.70 12.80 17.30
N ARG B 36 22.00 12.93 17.60
CA ARG B 36 22.78 11.79 18.08
C ARG B 36 22.25 11.27 19.42
N ARG B 37 21.76 12.17 20.27
CA ARG B 37 21.17 11.77 21.55
C ARG B 37 19.87 11.01 21.34
N LEU B 38 18.99 11.55 20.50
CA LEU B 38 17.76 10.85 20.11
C LEU B 38 18.04 9.46 19.54
N ALA B 39 19.08 9.36 18.70
CA ALA B 39 19.47 8.07 18.14
C ALA B 39 19.99 7.12 19.21
N ARG B 40 20.79 7.62 20.15
CA ARG B 40 21.27 6.81 21.27
C ARG B 40 20.10 6.27 22.08
N ARG B 41 19.09 7.10 22.31
CA ARG B 41 17.89 6.65 23.00
C ARG B 41 17.12 5.64 22.15
N GLY B 42 17.23 5.74 20.83
CA GLY B 42 16.58 4.78 19.97
C GLY B 42 17.33 3.47 19.77
N GLY B 43 18.54 3.36 20.28
CA GLY B 43 19.33 2.15 20.17
C GLY B 43 20.35 2.13 19.06
N VAL B 44 20.53 3.26 18.37
CA VAL B 44 21.49 3.35 17.28
C VAL B 44 22.90 3.44 17.86
N LYS B 45 23.85 2.73 17.23
CA LYS B 45 25.22 2.71 17.72
C LYS B 45 26.16 3.53 16.87
N ARG B 46 25.99 3.53 15.55
CA ARG B 46 26.82 4.33 14.66
C ARG B 46 25.93 5.07 13.67
N ILE B 47 26.29 6.32 13.36
CA ILE B 47 25.43 7.22 12.61
C ILE B 47 26.18 7.74 11.40
N SER B 48 25.62 7.54 10.21
CA SER B 48 26.17 8.11 8.99
C SER B 48 25.96 9.62 8.98
N GLY B 49 26.89 10.34 8.34
CA GLY B 49 26.82 11.80 8.30
C GLY B 49 25.58 12.37 7.64
N LEU B 50 24.97 11.64 6.71
CA LEU B 50 23.79 12.11 6.02
C LEU B 50 22.50 11.95 6.85
N ILE B 51 22.57 11.15 7.93
CA ILE B 51 21.40 10.88 8.77
C ILE B 51 20.86 12.16 9.37
N TYR B 52 21.76 13.10 9.71
CA TYR B 52 21.34 14.34 10.36
C TYR B 52 20.46 15.19 9.46
N GLU B 53 20.87 15.40 8.21
CA GLU B 53 20.03 16.14 7.27
C GLU B 53 18.74 15.38 6.94
N GLU B 54 18.81 14.04 6.84
CA GLU B 54 17.60 13.28 6.57
C GLU B 54 16.61 13.38 7.74
N THR B 55 17.11 13.36 8.97
CA THR B 55 16.26 13.44 10.14
C THR B 55 15.64 14.83 10.28
N ARG B 56 16.44 15.88 10.01
CA ARG B 56 15.88 17.23 10.00
C ARG B 56 14.77 17.39 8.96
N GLY B 57 14.94 16.79 7.78
CA GLY B 57 13.86 16.86 6.79
C GLY B 57 12.61 16.10 7.19
N VAL B 58 12.78 14.89 7.75
CA VAL B 58 11.66 14.10 8.23
C VAL B 58 10.91 14.81 9.35
N LEU B 59 11.66 15.39 10.28
CA LEU B 59 11.05 16.13 11.39
C LEU B 59 10.32 17.37 10.90
N LYS B 60 10.88 18.06 9.91
CA LYS B 60 10.20 19.21 9.30
C LYS B 60 8.85 18.80 8.74
N VAL B 61 8.80 17.69 7.99
CA VAL B 61 7.54 17.17 7.44
C VAL B 61 6.54 16.86 8.55
N PHE B 62 6.97 16.06 9.55
CA PHE B 62 6.13 15.65 10.68
C PHE B 62 5.55 16.85 11.44
N LEU B 63 6.42 17.77 11.85
CA LEU B 63 5.99 18.96 12.58
C LEU B 63 5.11 19.86 11.73
N GLU B 64 5.41 19.97 10.42
CA GLU B 64 4.56 20.73 9.52
C GLU B 64 3.12 20.21 9.52
N ASN B 65 2.96 18.88 9.42
CA ASN B 65 1.62 18.30 9.45
C ASN B 65 0.92 18.53 10.79
N VAL B 66 1.63 18.30 11.90
CA VAL B 66 1.00 18.41 13.22
C VAL B 66 0.64 19.85 13.54
N ILE B 67 1.57 20.79 13.29
CA ILE B 67 1.30 22.21 13.50
C ILE B 67 0.19 22.70 12.58
N ARG B 68 0.11 22.17 11.35
CA ARG B 68 -0.99 22.51 10.45
C ARG B 68 -2.34 22.13 11.04
N ASP B 69 -2.45 20.90 11.57
CA ASP B 69 -3.70 20.48 12.20
C ASP B 69 -4.01 21.28 13.46
N ALA B 70 -2.97 21.59 14.26
CA ALA B 70 -3.11 22.42 15.45
C ALA B 70 -3.65 23.80 15.11
N VAL B 71 -3.05 24.46 14.11
CA VAL B 71 -3.49 25.77 13.67
C VAL B 71 -4.91 25.72 13.10
N THR B 72 -5.28 24.61 12.44
CA THR B 72 -6.65 24.46 11.96
C THR B 72 -7.64 24.41 13.12
N TYR B 73 -7.31 23.66 14.18
CA TYR B 73 -8.14 23.63 15.38
C TYR B 73 -8.22 24.99 16.06
N THR B 74 -7.08 25.70 16.14
CA THR B 74 -7.03 27.01 16.78
C THR B 74 -7.85 28.04 16.02
N GLU B 75 -7.75 28.04 14.68
CA GLU B 75 -8.51 29.00 13.89
C GLU B 75 -10.00 28.69 13.95
N HIS B 76 -10.37 27.42 14.07
CA HIS B 76 -11.79 27.11 14.23
C HIS B 76 -12.33 27.57 15.58
N ALA B 77 -11.52 27.50 16.63
CA ALA B 77 -11.98 27.86 17.97
C ALA B 77 -12.02 29.35 18.22
N LYS B 78 -11.69 30.17 17.21
CA LYS B 78 -11.65 31.64 17.27
C LYS B 78 -10.69 32.12 18.35
N ARG B 79 -9.58 31.42 18.47
CA ARG B 79 -8.51 31.77 19.40
C ARG B 79 -7.26 32.13 18.60
N LYS B 80 -6.39 32.92 19.21
CA LYS B 80 -5.15 33.31 18.56
C LYS B 80 -3.93 32.60 19.12
N THR B 81 -4.11 31.73 20.12
CA THR B 81 -2.99 30.99 20.69
C THR B 81 -3.25 29.49 20.54
N VAL B 82 -2.27 28.79 19.97
CA VAL B 82 -2.36 27.34 19.90
C VAL B 82 -2.19 26.80 21.30
N THR B 83 -3.25 26.19 21.84
CA THR B 83 -3.20 25.65 23.18
C THR B 83 -2.71 24.21 23.15
N ALA B 84 -2.44 23.67 24.34
CA ALA B 84 -1.98 22.29 24.45
C ALA B 84 -3.05 21.31 24.01
N MET B 85 -4.32 21.63 24.25
CA MET B 85 -5.40 20.74 23.84
C MET B 85 -5.49 20.62 22.32
N ASP B 86 -5.27 21.73 21.59
CA ASP B 86 -5.24 21.68 20.14
C ASP B 86 -4.15 20.76 19.62
N VAL B 87 -2.98 20.78 20.27
CA VAL B 87 -1.88 19.92 19.84
C VAL B 87 -2.19 18.47 20.17
N VAL B 88 -2.80 18.20 21.33
CA VAL B 88 -3.14 16.83 21.70
C VAL B 88 -4.20 16.26 20.75
N TYR B 89 -5.26 17.02 20.48
CA TYR B 89 -6.29 16.58 19.54
C TYR B 89 -5.75 16.41 18.13
N ALA B 90 -4.79 17.27 17.73
CA ALA B 90 -4.15 17.12 16.42
C ALA B 90 -3.37 15.81 16.34
N LEU B 91 -2.61 15.51 17.39
CA LEU B 91 -1.89 14.24 17.47
C LEU B 91 -2.86 13.07 17.50
N LYS B 92 -4.01 13.25 18.15
CA LYS B 92 -5.04 12.22 18.21
C LYS B 92 -5.58 11.90 16.83
N ARG B 93 -5.73 12.93 15.98
CA ARG B 93 -6.19 12.72 14.61
C ARG B 93 -5.23 11.84 13.79
N GLN B 94 -3.94 11.79 14.15
CA GLN B 94 -2.96 11.05 13.39
C GLN B 94 -2.60 9.72 14.05
N GLY B 95 -3.35 9.30 15.05
CA GLY B 95 -3.09 8.04 15.71
C GLY B 95 -1.81 7.98 16.51
N ARG B 96 -1.35 9.13 17.01
CA ARG B 96 -0.19 9.25 17.87
C ARG B 96 -0.57 10.07 19.09
N THR B 97 -1.65 9.65 19.74
CA THR B 97 -2.21 10.30 20.92
C THR B 97 -1.17 10.52 22.01
N LEU B 98 -1.30 11.64 22.70
CA LEU B 98 -0.35 12.06 23.72
C LEU B 98 -1.11 12.26 25.03
N TYR B 99 -0.60 11.66 26.10
CA TYR B 99 -1.22 11.76 27.40
C TYR B 99 -0.46 12.78 28.25
N GLY B 100 -1.21 13.58 28.99
CA GLY B 100 -0.61 14.48 29.96
C GLY B 100 -0.65 15.95 29.62
N PHE B 101 -1.60 16.40 28.81
CA PHE B 101 -1.71 17.82 28.49
C PHE B 101 -3.18 18.19 28.32
N MET C 21 7.47 26.84 -24.61
CA MET C 21 7.06 25.50 -24.34
C MET C 21 5.66 25.22 -24.91
N GLN C 22 5.55 24.24 -25.81
CA GLN C 22 4.25 23.82 -26.30
C GLN C 22 3.58 22.95 -25.25
N ILE C 23 2.32 23.23 -24.92
CA ILE C 23 1.50 22.28 -24.19
C ILE C 23 0.15 22.12 -24.85
N PHE C 24 -0.57 21.08 -24.47
CA PHE C 24 -1.88 20.83 -25.04
C PHE C 24 -2.91 20.94 -23.92
N VAL C 25 -4.11 21.44 -24.24
CA VAL C 25 -5.18 21.39 -23.26
C VAL C 25 -6.32 20.61 -23.86
N LYS C 26 -6.69 19.50 -23.21
CA LYS C 26 -7.79 18.68 -23.72
C LYS C 26 -9.10 18.88 -22.96
N THR C 27 -10.16 19.11 -23.72
CA THR C 27 -11.50 19.27 -23.16
C THR C 27 -12.14 17.90 -22.99
N LEU C 28 -13.24 17.84 -22.26
CA LEU C 28 -13.96 16.57 -22.04
C LEU C 28 -14.67 16.13 -23.32
N THR C 29 -14.85 17.07 -24.24
CA THR C 29 -15.44 16.76 -25.53
C THR C 29 -14.36 16.20 -26.47
N GLY C 30 -13.12 16.28 -26.02
CA GLY C 30 -12.02 15.66 -26.73
C GLY C 30 -11.24 16.60 -27.64
N LYS C 31 -11.69 17.85 -27.76
CA LYS C 31 -10.94 18.82 -28.54
C LYS C 31 -9.62 19.12 -27.82
N THR C 32 -8.54 19.26 -28.58
CA THR C 32 -7.30 19.71 -27.97
C THR C 32 -6.90 21.05 -28.57
N ILE C 33 -6.50 21.98 -27.73
CA ILE C 33 -5.90 23.19 -28.24
C ILE C 33 -4.45 23.24 -27.81
N THR C 34 -3.65 23.93 -28.60
CA THR C 34 -2.23 24.01 -28.33
C THR C 34 -1.90 25.41 -27.81
N LEU C 35 -1.17 25.46 -26.70
CA LEU C 35 -0.77 26.74 -26.17
C LEU C 35 0.75 26.86 -26.20
N GLU C 36 1.23 28.09 -26.17
CA GLU C 36 2.64 28.31 -25.94
C GLU C 36 2.79 29.08 -24.65
N VAL C 37 3.55 28.49 -23.74
CA VAL C 37 3.59 28.94 -22.36
C VAL C 37 5.01 28.77 -21.84
N GLU C 38 5.31 29.36 -20.69
CA GLU C 38 6.61 29.20 -20.06
C GLU C 38 6.47 28.72 -18.63
N SER C 39 7.56 28.18 -18.05
CA SER C 39 7.57 27.65 -16.68
C SER C 39 7.23 28.73 -15.67
N SER C 40 7.48 29.98 -16.04
CA SER C 40 7.21 31.14 -15.19
C SER C 40 5.74 31.58 -15.20
N ASP C 41 4.98 31.11 -16.20
CA ASP C 41 3.54 31.41 -16.28
C ASP C 41 2.73 30.81 -15.11
N THR C 42 1.78 31.56 -14.56
CA THR C 42 0.89 31.03 -13.53
C THR C 42 -0.28 30.30 -14.17
N ILE C 43 -0.92 29.43 -13.40
CA ILE C 43 -2.13 28.79 -13.88
C ILE C 43 -3.18 29.84 -14.30
N ASP C 44 -3.28 30.94 -13.55
CA ASP C 44 -4.18 32.04 -13.93
C ASP C 44 -3.92 32.45 -15.37
N ASN C 45 -2.65 32.60 -15.72
CA ASN C 45 -2.27 33.00 -17.06
C ASN C 45 -2.72 32.00 -18.11
N VAL C 46 -2.53 30.71 -17.83
CA VAL C 46 -2.91 29.64 -18.75
C VAL C 46 -4.40 29.67 -19.03
N LYS C 47 -5.19 29.89 -17.99
CA LYS C 47 -6.65 29.97 -18.14
C LYS C 47 -7.03 31.16 -19.04
N SER C 48 -6.27 32.24 -18.88
CA SER C 48 -6.47 33.45 -19.69
C SER C 48 -6.19 33.10 -21.13
N LYS C 49 -5.08 32.41 -21.37
CA LYS C 49 -4.72 31.97 -22.71
C LYS C 49 -5.80 31.06 -23.31
N ILE C 50 -6.35 30.17 -22.50
CA ILE C 50 -7.42 29.28 -22.92
C ILE C 50 -8.71 30.05 -23.25
N GLN C 51 -9.02 31.07 -22.48
CA GLN C 51 -10.16 31.91 -22.82
C GLN C 51 -9.94 32.59 -24.17
N ASP C 52 -8.74 33.14 -24.39
CA ASP C 52 -8.47 33.77 -25.68
C ASP C 52 -8.75 32.83 -26.84
N LYS C 53 -8.20 31.62 -26.79
CA LYS C 53 -8.28 30.68 -27.91
C LYS C 53 -9.63 29.96 -28.01
N GLU C 54 -10.19 29.58 -26.86
CA GLU C 54 -11.37 28.71 -26.85
C GLU C 54 -12.65 29.45 -26.46
N GLY C 55 -12.49 30.53 -25.71
CA GLY C 55 -13.62 31.37 -25.32
C GLY C 55 -14.24 31.05 -23.97
N ILE C 56 -13.66 30.10 -23.24
CA ILE C 56 -14.22 29.73 -21.95
C ILE C 56 -13.77 30.64 -20.82
N PRO C 57 -14.74 31.25 -20.12
CA PRO C 57 -14.41 32.13 -18.98
C PRO C 57 -13.58 31.38 -17.95
N PRO C 58 -12.51 32.01 -17.41
CA PRO C 58 -11.59 31.35 -16.49
C PRO C 58 -12.28 30.79 -15.24
N ASP C 59 -13.32 31.47 -14.78
CA ASP C 59 -13.97 31.05 -13.56
C ASP C 59 -14.62 29.67 -13.71
N GLN C 60 -14.94 29.30 -14.94
CA GLN C 60 -15.53 28.01 -15.24
C GLN C 60 -14.47 26.92 -15.46
N GLN C 61 -13.21 27.33 -15.59
CA GLN C 61 -12.15 26.40 -15.96
C GLN C 61 -11.57 25.68 -14.74
N ARG C 62 -11.42 24.37 -14.85
CA ARG C 62 -10.75 23.55 -13.85
C ARG C 62 -9.71 22.70 -14.56
N LEU C 63 -8.43 22.93 -14.27
CA LEU C 63 -7.37 22.19 -14.96
C LEU C 63 -6.84 21.05 -14.09
N ILE C 64 -6.59 19.90 -14.69
CA ILE C 64 -6.03 18.74 -13.99
C ILE C 64 -4.75 18.29 -14.71
N PHE C 65 -3.72 17.97 -13.93
CA PHE C 65 -2.47 17.39 -14.43
C PHE C 65 -1.82 16.52 -13.35
N ALA C 66 -1.33 15.35 -13.75
CA ALA C 66 -0.66 14.45 -12.82
C ALA C 66 -1.59 14.16 -11.64
N GLY C 67 -2.88 14.06 -11.93
CA GLY C 67 -3.88 13.77 -10.91
C GLY C 67 -4.01 14.84 -9.82
N LYS C 68 -3.90 16.09 -10.24
CA LYS C 68 -3.90 17.22 -9.33
C LYS C 68 -4.72 18.33 -9.97
N GLN C 69 -5.64 18.93 -9.23
CA GLN C 69 -6.32 20.12 -9.72
C GLN C 69 -5.36 21.30 -9.55
N LEU C 70 -5.21 22.12 -10.59
CA LEU C 70 -4.14 23.11 -10.60
C LEU C 70 -4.52 24.46 -9.98
N GLU C 71 -3.66 24.98 -9.12
CA GLU C 71 -3.92 26.20 -8.36
C GLU C 71 -3.60 27.47 -9.14
N ASP C 72 -4.56 28.37 -9.27
CA ASP C 72 -4.40 29.57 -10.09
C ASP C 72 -3.12 30.32 -9.80
N GLY C 73 -2.75 30.35 -8.54
CA GLY C 73 -1.62 31.15 -8.12
C GLY C 73 -0.29 30.57 -8.51
N ARG C 74 -0.23 29.24 -8.65
CA ARG C 74 1.05 28.56 -8.86
C ARG C 74 1.50 28.65 -10.32
N THR C 75 2.77 28.37 -10.54
CA THR C 75 3.36 28.40 -11.87
C THR C 75 3.39 27.00 -12.47
N LEU C 76 3.49 26.90 -13.79
CA LEU C 76 3.63 25.58 -14.41
C LEU C 76 4.85 24.88 -13.86
N SER C 77 5.88 25.66 -13.52
CA SER C 77 7.12 25.12 -12.93
C SER C 77 6.90 24.36 -11.62
N ASP C 78 5.99 24.89 -10.79
CA ASP C 78 5.65 24.29 -9.51
C ASP C 78 5.10 22.88 -9.70
N TYR C 79 4.46 22.66 -10.85
CA TYR C 79 3.86 21.36 -11.15
C TYR C 79 4.74 20.50 -12.06
N ASN C 80 5.94 20.99 -12.39
CA ASN C 80 6.82 20.28 -13.31
C ASN C 80 6.13 19.95 -14.64
N ILE C 81 5.36 20.91 -15.13
CA ILE C 81 4.75 20.81 -16.44
C ILE C 81 5.77 21.14 -17.52
N GLN C 82 6.11 20.15 -18.34
CA GLN C 82 7.16 20.30 -19.34
C GLN C 82 6.60 20.29 -20.77
N LYS C 83 7.49 20.45 -21.75
CA LYS C 83 7.09 20.39 -23.17
C LYS C 83 6.14 19.25 -23.47
N GLU C 84 5.04 19.55 -24.17
CA GLU C 84 4.15 18.53 -24.73
C GLU C 84 3.25 17.83 -23.72
N SER C 85 3.34 18.24 -22.46
CA SER C 85 2.38 17.81 -21.44
C SER C 85 0.95 18.06 -21.92
N THR C 86 0.01 17.25 -21.44
CA THR C 86 -1.41 17.52 -21.69
C THR C 86 -2.06 17.88 -20.37
N LEU C 87 -2.78 18.99 -20.31
CA LEU C 87 -3.60 19.32 -19.14
C LEU C 87 -5.05 19.03 -19.50
N HIS C 88 -5.81 18.54 -18.53
CA HIS C 88 -7.20 18.23 -18.79
C HIS C 88 -8.12 19.33 -18.29
N LEU C 89 -8.96 19.83 -19.19
CA LEU C 89 -9.91 20.84 -18.83
C LEU C 89 -11.23 20.21 -18.44
N VAL C 90 -11.66 20.49 -17.21
CA VAL C 90 -13.01 20.18 -16.75
C VAL C 90 -13.72 21.51 -16.39
N LEU C 91 -14.98 21.64 -16.77
CA LEU C 91 -15.72 22.86 -16.48
C LEU C 91 -16.50 22.71 -15.17
N ARG C 92 -16.46 23.77 -14.36
CA ARG C 92 -17.06 23.77 -13.03
C ARG C 92 -18.44 24.37 -13.16
N LEU C 93 -19.45 23.60 -12.75
CA LEU C 93 -20.83 23.99 -12.96
C LEU C 93 -21.28 25.11 -12.00
N ARG C 94 -21.54 26.30 -12.57
CA ARG C 94 -22.09 27.41 -11.81
C ARG C 94 -23.62 27.42 -11.95
N GLY C 95 -24.32 27.05 -10.88
CA GLY C 95 -25.77 26.94 -10.93
C GLY C 95 -26.16 25.50 -11.25
N GLY C 108 -37.26 21.29 -5.02
CA GLY C 108 -36.40 20.45 -4.22
C GLY C 108 -35.27 21.29 -3.65
N ARG C 109 -34.82 20.90 -2.44
CA ARG C 109 -33.72 21.61 -1.80
C ARG C 109 -32.39 21.40 -2.52
N SER C 110 -32.22 20.26 -3.20
CA SER C 110 -31.01 19.98 -3.95
C SER C 110 -30.85 20.94 -5.14
N SER C 111 -31.94 21.20 -5.85
CA SER C 111 -31.92 22.08 -7.01
C SER C 111 -31.60 23.52 -6.63
N ARG C 112 -31.99 23.94 -5.42
CA ARG C 112 -31.72 25.30 -4.97
C ARG C 112 -30.23 25.57 -4.82
N ALA C 113 -29.43 24.55 -4.51
CA ALA C 113 -28.00 24.71 -4.36
C ALA C 113 -27.22 24.26 -5.59
N GLY C 114 -27.90 23.77 -6.61
CA GLY C 114 -27.26 23.27 -7.82
C GLY C 114 -26.40 22.04 -7.59
N LEU C 115 -26.86 21.14 -6.72
CA LEU C 115 -26.14 19.92 -6.41
C LEU C 115 -26.95 18.71 -6.86
N GLN C 116 -26.24 17.61 -7.08
CA GLN C 116 -26.92 16.36 -7.38
C GLN C 116 -27.19 15.54 -6.14
N PHE C 117 -26.26 15.53 -5.19
CA PHE C 117 -26.41 14.74 -3.97
C PHE C 117 -27.53 15.28 -3.08
N PRO C 118 -28.25 14.37 -2.36
CA PRO C 118 -29.42 14.81 -1.59
C PRO C 118 -29.10 15.54 -0.30
N VAL C 119 -29.30 16.86 -0.30
CA VAL C 119 -29.13 17.66 0.91
C VAL C 119 -30.08 17.19 2.01
N GLY C 120 -31.32 16.83 1.65
CA GLY C 120 -32.29 16.39 2.64
C GLY C 120 -31.89 15.10 3.34
N ARG C 121 -31.44 14.11 2.55
CA ARG C 121 -31.00 12.84 3.13
C ARG C 121 -29.79 13.03 4.02
N VAL C 122 -28.85 13.89 3.61
CA VAL C 122 -27.69 14.23 4.44
C VAL C 122 -28.14 14.89 5.74
N HIS C 123 -29.14 15.77 5.67
CA HIS C 123 -29.68 16.42 6.86
C HIS C 123 -30.31 15.41 7.81
N ARG C 124 -31.04 14.43 7.25
CA ARG C 124 -31.67 13.40 8.07
C ARG C 124 -30.61 12.52 8.73
N LEU C 125 -29.61 12.09 7.95
CA LEU C 125 -28.52 11.29 8.51
C LEU C 125 -27.76 12.05 9.60
N LEU C 126 -27.60 13.36 9.45
CA LEU C 126 -26.92 14.14 10.47
C LEU C 126 -27.75 14.24 11.74
N ARG C 127 -29.06 14.51 11.62
CA ARG C 127 -29.90 14.60 12.82
C ARG C 127 -30.06 13.26 13.51
N LYS C 128 -30.38 12.21 12.75
CA LYS C 128 -30.65 10.90 13.33
C LYS C 128 -29.44 9.98 13.27
N GLY C 129 -28.25 10.54 13.16
CA GLY C 129 -27.06 9.71 13.09
C GLY C 129 -26.24 9.84 14.35
N ASN C 130 -26.77 10.63 15.29
CA ASN C 130 -26.20 10.86 16.62
C ASN C 130 -24.79 11.44 16.55
N TYR C 131 -24.71 12.62 15.96
CA TYR C 131 -23.46 13.35 15.82
C TYR C 131 -23.45 14.63 16.64
N ALA C 132 -24.59 15.27 16.82
CA ALA C 132 -24.73 16.46 17.66
C ALA C 132 -26.19 16.62 18.00
N GLU C 133 -26.43 17.37 19.08
CA GLU C 133 -27.79 17.69 19.50
C GLU C 133 -28.52 18.49 18.43
N ARG C 134 -27.85 19.42 17.77
CA ARG C 134 -28.47 20.27 16.77
C ARG C 134 -27.59 20.29 15.54
N VAL C 135 -28.22 20.50 14.38
CA VAL C 135 -27.55 20.52 13.09
C VAL C 135 -27.89 21.82 12.37
N GLY C 136 -26.86 22.57 11.97
CA GLY C 136 -27.09 23.83 11.29
C GLY C 136 -27.71 23.66 9.92
N ALA C 137 -28.28 24.77 9.43
CA ALA C 137 -28.94 24.75 8.13
C ALA C 137 -27.96 24.66 6.97
N GLY C 138 -26.77 25.23 7.13
CA GLY C 138 -25.81 25.24 6.03
C GLY C 138 -24.96 23.99 5.97
N ALA C 139 -24.92 23.26 7.10
CA ALA C 139 -24.15 22.02 7.19
C ALA C 139 -24.53 20.96 6.16
N PRO C 140 -25.81 20.59 5.94
CA PRO C 140 -26.08 19.57 4.90
C PRO C 140 -25.72 20.03 3.50
N VAL C 141 -25.96 21.30 3.17
CA VAL C 141 -25.61 21.83 1.86
C VAL C 141 -24.10 21.75 1.63
N TYR C 142 -23.32 22.18 2.63
CA TYR C 142 -21.87 22.15 2.54
C TYR C 142 -21.35 20.71 2.43
N LEU C 143 -21.91 19.81 3.25
CA LEU C 143 -21.47 18.42 3.25
C LEU C 143 -21.81 17.73 1.94
N ALA C 144 -23.03 17.97 1.42
CA ALA C 144 -23.41 17.41 0.13
C ALA C 144 -22.53 17.93 -0.99
N ALA C 145 -22.13 19.20 -0.92
CA ALA C 145 -21.20 19.73 -1.92
C ALA C 145 -19.84 19.05 -1.87
N VAL C 146 -19.32 18.82 -0.66
CA VAL C 146 -18.03 18.15 -0.53
C VAL C 146 -18.11 16.71 -1.00
N LEU C 147 -19.20 16.00 -0.65
CA LEU C 147 -19.38 14.62 -1.10
C LEU C 147 -19.51 14.52 -2.61
N GLU C 148 -20.29 15.41 -3.23
CA GLU C 148 -20.43 15.37 -4.69
C GLU C 148 -19.13 15.73 -5.38
N TYR C 149 -18.35 16.66 -4.82
CA TYR C 149 -17.06 17.00 -5.43
C TYR C 149 -16.09 15.82 -5.38
N LEU C 150 -15.96 15.18 -4.21
CA LEU C 150 -15.06 14.03 -4.10
C LEU C 150 -15.51 12.88 -4.99
N THR C 151 -16.82 12.64 -5.06
CA THR C 151 -17.36 11.60 -5.93
C THR C 151 -17.07 11.91 -7.40
N ALA C 152 -17.21 13.18 -7.80
CA ALA C 152 -16.94 13.57 -9.17
C ALA C 152 -15.45 13.42 -9.50
N GLU C 153 -14.58 13.81 -8.56
CA GLU C 153 -13.13 13.68 -8.78
C GLU C 153 -12.72 12.23 -8.96
N ILE C 154 -13.23 11.33 -8.12
CA ILE C 154 -12.79 9.95 -8.23
C ILE C 154 -13.42 9.27 -9.44
N LEU C 155 -14.69 9.61 -9.77
CA LEU C 155 -15.30 9.05 -10.96
C LEU C 155 -14.66 9.58 -12.23
N GLU C 156 -14.14 10.81 -12.20
CA GLU C 156 -13.44 11.34 -13.37
C GLU C 156 -12.12 10.62 -13.59
N LEU C 157 -11.34 10.43 -12.52
CA LEU C 157 -10.09 9.67 -12.65
C LEU C 157 -10.34 8.23 -13.07
N ALA C 158 -11.40 7.59 -12.53
CA ALA C 158 -11.74 6.23 -12.93
C ALA C 158 -12.17 6.18 -14.40
N GLY C 159 -13.02 7.13 -14.82
CA GLY C 159 -13.43 7.21 -16.21
C GLY C 159 -12.27 7.37 -17.17
N ASN C 160 -11.34 8.27 -16.84
CA ASN C 160 -10.13 8.43 -17.65
C ASN C 160 -9.30 7.15 -17.70
N ALA C 161 -9.18 6.45 -16.57
CA ALA C 161 -8.43 5.20 -16.54
C ALA C 161 -9.11 4.12 -17.38
N ALA C 162 -10.44 4.03 -17.31
CA ALA C 162 -11.18 3.06 -18.11
C ALA C 162 -11.09 3.38 -19.60
N ARG C 163 -11.24 4.65 -19.97
CA ARG C 163 -11.15 5.06 -21.36
C ARG C 163 -9.75 4.82 -21.93
N ASP C 164 -8.71 5.07 -21.12
CA ASP C 164 -7.35 4.81 -21.57
C ASP C 164 -7.05 3.33 -21.72
N ASN C 165 -7.84 2.46 -21.08
CA ASN C 165 -7.69 1.01 -21.23
C ASN C 165 -8.72 0.44 -22.20
N LYS C 166 -9.36 1.31 -22.98
CA LYS C 166 -10.25 0.96 -24.09
C LYS C 166 -11.51 0.22 -23.63
N LYS C 167 -11.99 0.55 -22.44
CA LYS C 167 -13.24 0.01 -21.92
C LYS C 167 -14.21 1.16 -21.67
N THR C 168 -15.50 0.86 -21.78
CA THR C 168 -16.53 1.86 -21.56
C THR C 168 -17.28 1.69 -20.25
N ARG C 169 -17.09 0.57 -19.55
CA ARG C 169 -17.72 0.34 -18.26
C ARG C 169 -16.67 0.51 -17.18
N ILE C 170 -16.95 1.32 -16.18
CA ILE C 170 -16.04 1.47 -15.06
C ILE C 170 -16.10 0.19 -14.24
N ILE C 171 -14.94 -0.34 -13.88
CA ILE C 171 -14.84 -1.59 -13.14
C ILE C 171 -13.99 -1.28 -11.91
N PRO C 172 -14.09 -2.09 -10.82
CA PRO C 172 -13.20 -1.93 -9.66
C PRO C 172 -11.72 -1.71 -9.91
N ARG C 173 -11.17 -2.39 -10.93
CA ARG C 173 -9.78 -2.19 -11.32
C ARG C 173 -9.48 -0.73 -11.67
N HIS C 174 -10.38 -0.10 -12.43
CA HIS C 174 -10.20 1.29 -12.80
C HIS C 174 -10.33 2.23 -11.60
N LEU C 175 -11.19 1.89 -10.64
CA LEU C 175 -11.26 2.65 -9.39
C LEU C 175 -9.96 2.53 -8.60
N GLN C 176 -9.42 1.30 -8.54
CA GLN C 176 -8.15 1.05 -7.86
C GLN C 176 -7.02 1.86 -8.47
N LEU C 177 -6.95 1.89 -9.80
CA LEU C 177 -5.95 2.71 -10.50
C LEU C 177 -6.16 4.19 -10.25
N ALA C 178 -7.42 4.63 -10.30
CA ALA C 178 -7.78 6.02 -10.01
C ALA C 178 -7.31 6.46 -8.63
N VAL C 179 -7.50 5.59 -7.64
CA VAL C 179 -7.10 5.94 -6.28
C VAL C 179 -5.58 5.92 -6.14
N ARG C 180 -4.96 4.78 -6.48
CA ARG C 180 -3.53 4.60 -6.24
C ARG C 180 -2.65 5.42 -7.17
N ASN C 181 -3.16 5.97 -8.26
CA ASN C 181 -2.34 6.79 -9.15
C ASN C 181 -2.39 8.27 -8.84
N ASP C 182 -3.38 8.73 -8.10
CA ASP C 182 -3.48 10.12 -7.68
C ASP C 182 -2.98 10.21 -6.25
N GLU C 183 -1.80 10.83 -6.09
CA GLU C 183 -1.11 11.04 -4.81
C GLU C 183 -2.03 11.49 -3.67
N GLU C 184 -2.87 12.49 -3.93
CA GLU C 184 -3.72 13.05 -2.88
C GLU C 184 -4.80 12.07 -2.44
N LEU C 185 -5.50 11.47 -3.41
CA LEU C 185 -6.49 10.44 -3.09
C LEU C 185 -5.85 9.22 -2.47
N ASN C 186 -4.63 8.88 -2.91
CA ASN C 186 -3.85 7.81 -2.28
C ASN C 186 -3.62 8.11 -0.80
N LYS C 187 -3.24 9.35 -0.49
CA LYS C 187 -3.04 9.76 0.90
C LYS C 187 -4.33 9.65 1.70
N LEU C 188 -5.43 10.17 1.15
CA LEU C 188 -6.74 10.07 1.80
C LEU C 188 -7.20 8.62 1.97
N LEU C 189 -6.91 7.77 1.00
CA LEU C 189 -7.42 6.40 0.99
C LEU C 189 -6.30 5.36 1.10
N GLY C 190 -5.31 5.63 1.93
CA GLY C 190 -4.18 4.71 2.06
C GLY C 190 -4.48 3.43 2.81
N ARG C 191 -5.52 3.42 3.65
CA ARG C 191 -5.79 2.28 4.49
C ARG C 191 -7.13 1.62 4.14
N VAL C 192 -7.58 1.77 2.90
CA VAL C 192 -8.81 1.16 2.43
C VAL C 192 -8.47 0.14 1.36
N THR C 193 -9.27 -0.92 1.29
CA THR C 193 -9.13 -1.96 0.29
C THR C 193 -10.34 -1.92 -0.63
N ILE C 194 -10.08 -1.76 -1.93
CA ILE C 194 -11.14 -1.72 -2.92
C ILE C 194 -11.35 -3.14 -3.42
N ALA C 195 -12.58 -3.64 -3.28
CA ALA C 195 -12.89 -5.04 -3.60
C ALA C 195 -12.66 -5.35 -5.07
N GLN C 196 -11.98 -6.48 -5.31
CA GLN C 196 -11.63 -7.01 -6.63
C GLN C 196 -10.84 -6.01 -7.46
N GLY C 197 -10.00 -5.21 -6.80
CA GLY C 197 -9.28 -4.15 -7.48
C GLY C 197 -7.85 -4.46 -7.82
N GLY C 198 -7.23 -5.41 -7.12
CA GLY C 198 -5.83 -5.67 -7.39
C GLY C 198 -4.95 -4.53 -6.89
N VAL C 199 -3.75 -4.43 -7.50
CA VAL C 199 -2.75 -3.43 -7.14
C VAL C 199 -2.27 -2.74 -8.41
N LEU C 200 -1.54 -1.65 -8.22
CA LEU C 200 -0.92 -0.96 -9.35
C LEU C 200 0.23 -1.79 -9.91
N PRO C 201 0.41 -1.81 -11.23
CA PRO C 201 1.61 -2.44 -11.80
C PRO C 201 2.86 -1.72 -11.33
N ASN C 202 3.65 -2.40 -10.50
CA ASN C 202 4.87 -1.81 -9.95
C ASN C 202 5.91 -2.91 -9.82
N ILE C 203 6.87 -2.91 -10.73
CA ILE C 203 7.98 -3.85 -10.72
C ILE C 203 9.23 -3.08 -10.31
N GLN C 204 9.88 -3.54 -9.24
CA GLN C 204 11.14 -2.94 -8.78
C GLN C 204 12.21 -3.03 -9.86
N SER C 205 12.94 -1.93 -10.04
CA SER C 205 14.01 -1.83 -11.03
C SER C 205 15.05 -2.94 -10.88
N VAL C 206 15.39 -3.30 -9.64
CA VAL C 206 16.41 -4.30 -9.34
C VAL C 206 16.02 -5.69 -9.84
N LEU C 207 14.72 -5.95 -10.00
CA LEU C 207 14.27 -7.26 -10.46
C LEU C 207 14.58 -7.50 -11.93
N LEU C 208 14.78 -6.45 -12.70
CA LEU C 208 15.08 -6.54 -14.12
C LEU C 208 16.51 -7.07 -14.32
N PRO C 209 16.78 -7.67 -15.49
CA PRO C 209 18.14 -8.16 -15.76
C PRO C 209 19.17 -7.04 -15.83
N LYS C 210 20.43 -7.46 -15.75
CA LYS C 210 21.57 -6.55 -15.72
C LYS C 210 21.97 -6.19 -17.15
N LYS C 211 23.11 -5.51 -17.29
CA LYS C 211 23.64 -5.14 -18.59
C LYS C 211 24.25 -6.35 -19.28
N ARG D 27 -45.45 -8.57 -3.61
CA ARG D 27 -45.10 -7.59 -2.57
C ARG D 27 -43.60 -7.35 -2.55
N ARG D 28 -43.20 -6.08 -2.56
CA ARG D 28 -41.80 -5.73 -2.51
C ARG D 28 -41.23 -6.01 -1.12
N LYS D 29 -39.91 -6.18 -1.07
CA LYS D 29 -39.28 -6.70 0.15
C LYS D 29 -39.07 -5.61 1.20
N THR D 30 -38.21 -4.64 0.92
CA THR D 30 -37.88 -3.60 1.90
C THR D 30 -37.22 -2.43 1.19
N ARG D 31 -37.65 -1.22 1.56
CA ARG D 31 -37.07 0.00 1.02
C ARG D 31 -35.72 0.25 1.68
N LYS D 32 -34.67 -0.03 0.92
CA LYS D 32 -33.31 0.20 1.39
C LYS D 32 -32.67 1.33 0.59
N GLU D 33 -32.14 2.34 1.28
CA GLU D 33 -31.62 3.52 0.60
C GLU D 33 -30.16 3.31 0.22
N SER D 34 -29.71 4.06 -0.78
CA SER D 34 -28.33 4.08 -1.22
C SER D 34 -28.09 5.33 -2.05
N TYR D 35 -26.81 5.64 -2.26
CA TYR D 35 -26.39 6.77 -3.09
C TYR D 35 -26.25 6.41 -4.56
N ALA D 36 -26.81 5.27 -4.98
CA ALA D 36 -26.68 4.73 -6.33
C ALA D 36 -27.04 5.74 -7.41
N ILE D 37 -28.27 6.26 -7.36
CA ILE D 37 -28.75 7.13 -8.43
C ILE D 37 -28.02 8.46 -8.47
N TYR D 38 -27.52 8.94 -7.32
CA TYR D 38 -26.80 10.21 -7.31
C TYR D 38 -25.40 10.06 -7.91
N VAL D 39 -24.72 8.96 -7.58
CA VAL D 39 -23.42 8.66 -8.19
C VAL D 39 -23.60 8.46 -9.69
N TYR D 40 -24.73 7.88 -10.10
CA TYR D 40 -24.97 7.70 -11.53
C TYR D 40 -25.25 9.03 -12.23
N LYS D 41 -25.99 9.94 -11.57
CA LYS D 41 -26.23 11.27 -12.13
C LYS D 41 -24.93 12.06 -12.24
N VAL D 42 -24.03 11.93 -11.27
CA VAL D 42 -22.74 12.62 -11.34
C VAL D 42 -21.90 12.06 -12.48
N LEU D 43 -21.91 10.72 -12.64
CA LEU D 43 -21.20 10.10 -13.75
C LEU D 43 -21.76 10.54 -15.10
N LYS D 44 -23.08 10.68 -15.20
CA LYS D 44 -23.68 11.15 -16.44
C LYS D 44 -23.44 12.65 -16.63
N GLN D 45 -23.13 13.38 -15.57
CA GLN D 45 -22.81 14.79 -15.72
C GLN D 45 -21.38 14.99 -16.16
N VAL D 46 -20.47 14.11 -15.75
CA VAL D 46 -19.06 14.32 -16.10
C VAL D 46 -18.63 13.57 -17.37
N HIS D 47 -19.26 12.43 -17.68
CA HIS D 47 -18.92 11.63 -18.86
C HIS D 47 -20.17 10.88 -19.30
N PRO D 48 -20.99 11.51 -20.17
CA PRO D 48 -22.30 10.93 -20.53
C PRO D 48 -22.27 9.56 -21.19
N ASP D 49 -21.18 9.19 -21.87
CA ASP D 49 -21.13 7.92 -22.59
C ASP D 49 -20.40 6.83 -21.80
N THR D 50 -20.33 6.97 -20.48
CA THR D 50 -19.61 6.02 -19.64
C THR D 50 -20.57 5.41 -18.64
N GLY D 51 -20.50 4.08 -18.48
CA GLY D 51 -21.32 3.37 -17.53
C GLY D 51 -20.51 2.92 -16.32
N ILE D 52 -21.15 2.14 -15.46
CA ILE D 52 -20.52 1.71 -14.22
C ILE D 52 -21.10 0.36 -13.82
N SER D 53 -20.21 -0.53 -13.39
CA SER D 53 -20.64 -1.85 -12.94
C SER D 53 -21.32 -1.76 -11.59
N SER D 54 -22.20 -2.73 -11.32
CA SER D 54 -22.98 -2.76 -10.09
C SER D 54 -22.07 -2.85 -8.86
N LYS D 55 -21.03 -3.68 -8.95
CA LYS D 55 -20.07 -3.78 -7.84
C LYS D 55 -19.30 -2.48 -7.67
N ALA D 56 -19.01 -1.80 -8.78
CA ALA D 56 -18.34 -0.51 -8.68
C ALA D 56 -19.25 0.54 -8.07
N MET D 57 -20.56 0.45 -8.36
CA MET D 57 -21.52 1.34 -7.72
C MET D 57 -21.59 1.08 -6.22
N SER D 58 -21.51 -0.20 -5.83
CA SER D 58 -21.43 -0.56 -4.42
C SER D 58 -20.20 0.03 -3.75
N ILE D 59 -19.03 -0.11 -4.39
CA ILE D 59 -17.78 0.49 -3.92
C ILE D 59 -17.91 2.01 -3.75
N MET D 60 -18.54 2.66 -4.73
CA MET D 60 -18.74 4.11 -4.65
C MET D 60 -19.68 4.48 -3.50
N ASN D 61 -20.70 3.66 -3.26
CA ASN D 61 -21.62 3.90 -2.15
C ASN D 61 -20.92 3.77 -0.82
N SER D 62 -20.07 2.75 -0.67
CA SER D 62 -19.29 2.58 0.55
C SER D 62 -18.31 3.72 0.73
N PHE D 63 -17.74 4.23 -0.37
CA PHE D 63 -16.81 5.36 -0.30
C PHE D 63 -17.52 6.62 0.18
N VAL D 64 -18.71 6.90 -0.37
CA VAL D 64 -19.47 8.08 0.03
C VAL D 64 -19.89 7.99 1.48
N ASN D 65 -20.36 6.81 1.91
CA ASN D 65 -20.71 6.61 3.31
C ASN D 65 -19.51 6.75 4.23
N ASP D 66 -18.33 6.30 3.78
CA ASP D 66 -17.09 6.43 4.55
C ASP D 66 -16.70 7.87 4.75
N VAL D 67 -16.56 8.63 3.64
CA VAL D 67 -16.22 10.05 3.69
C VAL D 67 -17.21 10.82 4.55
N PHE D 68 -18.51 10.50 4.40
CA PHE D 68 -19.56 11.06 5.25
C PHE D 68 -19.30 10.79 6.73
N GLU D 69 -19.05 9.53 7.08
CA GLU D 69 -18.83 9.17 8.47
C GLU D 69 -17.60 9.85 9.06
N ARG D 70 -16.52 9.94 8.28
CA ARG D 70 -15.31 10.63 8.75
C ARG D 70 -15.57 12.11 9.01
N ILE D 71 -16.18 12.80 8.04
CA ILE D 71 -16.43 14.24 8.19
C ILE D 71 -17.40 14.51 9.34
N ALA D 72 -18.46 13.69 9.45
CA ALA D 72 -19.41 13.87 10.54
C ALA D 72 -18.78 13.58 11.90
N GLY D 73 -17.93 12.55 11.98
CA GLY D 73 -17.23 12.26 13.22
C GLY D 73 -16.31 13.38 13.65
N GLU D 74 -15.54 13.93 12.70
CA GLU D 74 -14.64 15.04 13.02
C GLU D 74 -15.39 16.30 13.40
N ALA D 75 -16.49 16.62 12.70
CA ALA D 75 -17.31 17.75 13.09
C ALA D 75 -17.93 17.55 14.48
N SER D 76 -18.30 16.31 14.80
CA SER D 76 -18.80 15.98 16.14
C SER D 76 -17.73 16.23 17.20
N ARG D 77 -16.50 15.76 16.95
CA ARG D 77 -15.41 15.99 17.89
C ARG D 77 -15.09 17.47 18.03
N LEU D 78 -15.15 18.22 16.93
CA LEU D 78 -14.94 19.67 16.99
C LEU D 78 -16.00 20.37 17.83
N ALA D 79 -17.27 19.99 17.65
CA ALA D 79 -18.33 20.57 18.47
C ALA D 79 -18.17 20.19 19.94
N HIS D 80 -17.72 18.96 20.21
CA HIS D 80 -17.56 18.52 21.58
C HIS D 80 -16.41 19.22 22.29
N TYR D 81 -15.25 19.30 21.63
CA TYR D 81 -14.06 19.92 22.22
C TYR D 81 -14.27 21.39 22.54
N ASN D 82 -15.12 22.09 21.80
CA ASN D 82 -15.36 23.51 22.03
C ASN D 82 -16.66 23.76 22.79
N LYS D 83 -17.19 22.72 23.45
CA LYS D 83 -18.39 22.77 24.30
C LYS D 83 -19.59 23.40 23.60
N ARG D 84 -19.79 23.00 22.34
CA ARG D 84 -20.92 23.46 21.56
C ARG D 84 -21.76 22.29 21.10
N SER D 85 -23.07 22.52 20.96
CA SER D 85 -24.01 21.48 20.61
C SER D 85 -24.59 21.64 19.21
N THR D 86 -23.92 22.37 18.32
CA THR D 86 -24.43 22.59 16.97
C THR D 86 -23.34 22.37 15.94
N ILE D 87 -23.64 21.50 14.96
CA ILE D 87 -22.79 21.32 13.80
C ILE D 87 -23.29 22.28 12.72
N THR D 88 -22.53 23.33 12.46
CA THR D 88 -22.89 24.32 11.46
C THR D 88 -21.96 24.10 10.27
N SER D 89 -22.11 24.90 9.21
CA SER D 89 -21.23 24.81 8.05
C SER D 89 -19.77 25.10 8.37
N ARG D 90 -19.51 25.85 9.45
CA ARG D 90 -18.13 26.15 9.83
C ARG D 90 -17.41 24.92 10.35
N GLU D 91 -18.09 24.12 11.16
CA GLU D 91 -17.52 22.89 11.69
C GLU D 91 -17.23 21.88 10.57
N ILE D 92 -18.16 21.77 9.62
CA ILE D 92 -17.95 20.92 8.44
C ILE D 92 -16.76 21.42 7.63
N GLN D 93 -16.66 22.75 7.48
CA GLN D 93 -15.54 23.35 6.74
C GLN D 93 -14.20 23.02 7.38
N THR D 94 -14.10 23.17 8.70
CA THR D 94 -12.88 22.82 9.41
C THR D 94 -12.57 21.33 9.29
N ALA D 95 -13.60 20.47 9.36
CA ALA D 95 -13.42 19.04 9.16
C ALA D 95 -12.85 18.73 7.78
N VAL D 96 -13.38 19.42 6.75
CA VAL D 96 -12.89 19.26 5.38
C VAL D 96 -11.43 19.69 5.28
N ARG D 97 -11.08 20.82 5.88
CA ARG D 97 -9.68 21.27 5.89
C ARG D 97 -8.76 20.29 6.61
N LEU D 98 -9.27 19.58 7.61
CA LEU D 98 -8.45 18.59 8.29
C LEU D 98 -8.30 17.31 7.46
N LEU D 99 -9.35 16.91 6.76
CA LEU D 99 -9.36 15.59 6.09
C LEU D 99 -8.71 15.59 4.71
N LEU D 100 -8.93 16.59 3.90
CA LEU D 100 -8.40 16.42 2.56
C LEU D 100 -7.00 16.99 2.47
N PRO D 101 -6.04 16.25 1.92
CA PRO D 101 -4.65 16.75 1.87
C PRO D 101 -4.33 17.73 0.75
N GLY D 102 -4.58 19.01 0.95
CA GLY D 102 -4.05 20.03 0.04
C GLY D 102 -5.09 20.54 -0.95
N GLU D 103 -4.82 20.37 -2.26
CA GLU D 103 -5.66 20.93 -3.31
C GLU D 103 -7.07 20.36 -3.28
N LEU D 104 -7.22 19.11 -2.82
CA LEU D 104 -8.55 18.54 -2.60
C LEU D 104 -9.32 19.36 -1.58
N ALA D 105 -8.66 19.78 -0.51
CA ALA D 105 -9.31 20.60 0.51
C ALA D 105 -9.63 21.99 -0.02
N LYS D 106 -8.70 22.59 -0.77
CA LYS D 106 -8.93 23.92 -1.32
C LYS D 106 -10.12 23.94 -2.27
N HIS D 107 -10.22 22.94 -3.16
CA HIS D 107 -11.36 22.92 -4.08
C HIS D 107 -12.64 22.49 -3.37
N ALA D 108 -12.55 21.65 -2.34
CA ALA D 108 -13.73 21.29 -1.57
C ALA D 108 -14.31 22.49 -0.84
N VAL D 109 -13.45 23.30 -0.23
CA VAL D 109 -13.89 24.52 0.44
C VAL D 109 -14.48 25.50 -0.56
N SER D 110 -13.90 25.59 -1.77
CA SER D 110 -14.45 26.43 -2.82
C SER D 110 -15.87 25.98 -3.22
N GLU D 111 -16.04 24.67 -3.44
CA GLU D 111 -17.35 24.12 -3.82
C GLU D 111 -18.38 24.31 -2.71
N GLY D 112 -17.99 24.04 -1.47
CA GLY D 112 -18.89 24.23 -0.34
C GLY D 112 -19.30 25.68 -0.15
N THR D 113 -18.36 26.61 -0.35
CA THR D 113 -18.66 28.03 -0.24
C THR D 113 -19.66 28.44 -1.31
N LYS D 114 -19.41 28.03 -2.56
CA LYS D 114 -20.35 28.25 -3.66
C LYS D 114 -21.75 27.73 -3.33
N ALA D 115 -21.83 26.46 -2.92
CA ALA D 115 -23.09 25.81 -2.58
C ALA D 115 -23.87 26.57 -1.50
N VAL D 116 -23.23 26.82 -0.34
CA VAL D 116 -23.87 27.51 0.77
C VAL D 116 -24.30 28.92 0.37
N THR D 117 -23.44 29.64 -0.36
CA THR D 117 -23.77 30.99 -0.83
C THR D 117 -25.00 30.99 -1.73
N LYS D 118 -24.97 30.21 -2.82
CA LYS D 118 -26.11 30.10 -3.73
C LYS D 118 -27.37 29.62 -3.03
N TYR D 119 -27.23 28.70 -2.07
CA TYR D 119 -28.38 28.15 -1.36
C TYR D 119 -29.05 29.19 -0.46
N THR D 120 -28.26 29.89 0.36
CA THR D 120 -28.83 30.85 1.29
C THR D 120 -29.23 32.16 0.59
N SER D 121 -28.69 32.42 -0.60
CA SER D 121 -29.01 33.65 -1.32
C SER D 121 -30.02 33.43 -2.44
N ALA D 122 -30.92 32.47 -2.29
CA ALA D 122 -31.96 32.22 -3.28
C ALA D 122 -33.23 31.71 -2.61
N GLY E 34 15.88 -40.38 -35.98
CA GLY E 34 15.25 -39.08 -35.95
C GLY E 34 15.56 -38.36 -34.66
N GLY E 35 14.61 -38.40 -33.73
CA GLY E 35 14.89 -37.97 -32.37
C GLY E 35 14.29 -36.61 -32.09
N VAL E 36 13.86 -36.45 -30.84
CA VAL E 36 13.37 -35.18 -30.34
C VAL E 36 14.58 -34.37 -29.88
N MET E 37 14.64 -33.10 -30.30
CA MET E 37 15.74 -32.24 -29.93
C MET E 37 15.24 -31.17 -28.96
N LYS E 38 15.43 -31.40 -27.66
CA LYS E 38 15.00 -30.48 -26.62
C LYS E 38 15.93 -29.29 -26.55
N PRO E 39 15.46 -28.07 -26.76
CA PRO E 39 16.33 -26.90 -26.65
C PRO E 39 16.38 -26.40 -25.22
N HIS E 40 17.11 -25.29 -25.04
CA HIS E 40 17.26 -24.70 -23.72
C HIS E 40 15.94 -24.09 -23.25
N ARG E 41 15.64 -24.28 -21.98
CA ARG E 41 14.44 -23.75 -21.36
C ARG E 41 14.60 -22.26 -21.08
N TYR E 42 13.60 -21.68 -20.40
CA TYR E 42 13.72 -20.30 -19.97
C TYR E 42 14.65 -20.21 -18.77
N ARG E 43 15.43 -19.13 -18.71
CA ARG E 43 16.30 -18.89 -17.58
C ARG E 43 15.45 -18.65 -16.33
N PRO E 44 15.93 -19.09 -15.15
CA PRO E 44 15.22 -18.84 -13.89
C PRO E 44 14.93 -17.36 -13.62
N GLY E 45 13.65 -17.03 -13.44
CA GLY E 45 13.21 -15.67 -13.22
C GLY E 45 12.40 -15.10 -14.36
N THR E 46 12.63 -15.58 -15.59
CA THR E 46 11.91 -15.08 -16.76
C THR E 46 10.42 -15.41 -16.68
N VAL E 47 10.10 -16.68 -16.37
CA VAL E 47 8.72 -17.07 -16.21
C VAL E 47 8.13 -16.42 -14.97
N ALA E 48 8.97 -16.22 -13.95
CA ALA E 48 8.56 -15.52 -12.74
C ALA E 48 8.12 -14.09 -13.04
N LEU E 49 8.95 -13.34 -13.77
CA LEU E 49 8.60 -11.97 -14.17
C LEU E 49 7.37 -11.96 -15.07
N ARG E 50 7.21 -12.99 -15.90
CA ARG E 50 6.01 -13.11 -16.74
C ARG E 50 4.76 -13.25 -15.88
N GLU E 51 4.85 -14.05 -14.82
CA GLU E 51 3.75 -14.15 -13.85
C GLU E 51 3.52 -12.84 -13.12
N ILE E 52 4.61 -12.13 -12.75
CA ILE E 52 4.52 -10.81 -12.12
C ILE E 52 3.63 -9.88 -12.95
N ARG E 53 3.97 -9.78 -14.27
CA ARG E 53 3.18 -8.90 -15.12
C ARG E 53 1.74 -9.40 -15.29
N ARG E 54 1.51 -10.72 -15.44
CA ARG E 54 0.17 -11.28 -15.63
C ARG E 54 -0.72 -11.04 -14.41
N TYR E 55 -0.20 -11.29 -13.21
CA TYR E 55 -1.03 -11.13 -12.04
C TYR E 55 -1.15 -9.67 -11.59
N GLN E 56 -0.17 -8.81 -11.90
CA GLN E 56 -0.39 -7.40 -11.64
C GLN E 56 -1.33 -6.75 -12.64
N LYS E 57 -1.60 -7.39 -13.77
CA LYS E 57 -2.51 -6.80 -14.74
C LYS E 57 -3.95 -7.27 -14.54
N SER E 58 -4.16 -8.42 -13.90
CA SER E 58 -5.49 -8.99 -13.72
C SER E 58 -6.00 -8.73 -12.31
N THR E 59 -7.23 -9.20 -12.03
CA THR E 59 -7.89 -8.94 -10.75
C THR E 59 -8.55 -10.14 -10.09
N GLU E 60 -8.51 -11.33 -10.70
CA GLU E 60 -9.16 -12.50 -10.12
C GLU E 60 -8.51 -12.91 -8.80
N LEU E 61 -9.27 -13.64 -8.00
CA LEU E 61 -8.78 -14.11 -6.71
C LEU E 61 -7.69 -15.18 -6.89
N LEU E 62 -6.68 -15.11 -6.03
CA LEU E 62 -5.53 -15.97 -6.14
C LEU E 62 -5.56 -17.13 -5.15
N ILE E 63 -6.46 -17.08 -4.19
CA ILE E 63 -6.63 -18.15 -3.22
C ILE E 63 -7.85 -18.97 -3.63
N ARG E 64 -7.72 -20.29 -3.55
CA ARG E 64 -8.83 -21.18 -3.85
C ARG E 64 -9.98 -20.95 -2.87
N LYS E 65 -11.19 -20.74 -3.42
CA LYS E 65 -12.33 -20.30 -2.62
C LYS E 65 -12.75 -21.34 -1.59
N LEU E 66 -12.98 -22.58 -2.02
CA LEU E 66 -13.49 -23.61 -1.11
C LEU E 66 -12.50 -24.00 0.00
N PRO E 67 -11.20 -24.29 -0.26
CA PRO E 67 -10.27 -24.49 0.88
C PRO E 67 -10.20 -23.33 1.85
N PHE E 68 -10.25 -22.10 1.33
CA PHE E 68 -10.25 -20.93 2.20
C PHE E 68 -11.53 -20.88 3.04
N GLN E 69 -12.66 -21.23 2.45
CA GLN E 69 -13.93 -21.29 3.20
C GLN E 69 -13.86 -22.31 4.31
N ARG E 70 -13.23 -23.47 4.05
CA ARG E 70 -13.07 -24.47 5.10
C ARG E 70 -12.14 -23.95 6.19
N LEU E 71 -11.09 -23.22 5.82
CA LEU E 71 -10.21 -22.57 6.80
C LEU E 71 -10.98 -21.57 7.67
N VAL E 72 -11.86 -20.79 7.05
CA VAL E 72 -12.66 -19.80 7.78
C VAL E 72 -13.57 -20.49 8.79
N ARG E 73 -14.27 -21.55 8.35
CA ARG E 73 -15.15 -22.26 9.26
C ARG E 73 -14.38 -22.95 10.39
N GLU E 74 -13.19 -23.47 10.11
CA GLU E 74 -12.37 -24.07 11.17
C GLU E 74 -11.93 -23.03 12.19
N ILE E 75 -11.48 -21.86 11.72
CA ILE E 75 -11.09 -20.78 12.64
C ILE E 75 -12.29 -20.27 13.44
N ALA E 76 -13.47 -20.22 12.81
CA ALA E 76 -14.67 -19.74 13.50
C ALA E 76 -15.19 -20.76 14.51
N GLN E 77 -14.91 -22.04 14.28
CA GLN E 77 -15.30 -23.13 15.18
C GLN E 77 -14.90 -22.88 16.64
N ASP E 78 -13.72 -22.28 16.86
CA ASP E 78 -13.19 -22.09 18.20
C ASP E 78 -13.85 -20.95 18.97
N PHE E 79 -14.94 -20.37 18.48
CA PHE E 79 -15.66 -19.32 19.19
C PHE E 79 -17.13 -19.65 19.42
N LYS E 80 -17.82 -20.18 18.41
CA LYS E 80 -19.23 -20.54 18.50
C LYS E 80 -19.50 -21.77 17.65
N THR E 81 -20.18 -22.74 18.23
CA THR E 81 -20.47 -23.98 17.51
C THR E 81 -21.63 -23.76 16.56
N ASP E 82 -21.61 -24.49 15.44
CA ASP E 82 -22.61 -24.44 14.37
C ASP E 82 -22.77 -23.02 13.82
N LEU E 83 -21.65 -22.34 13.60
CA LEU E 83 -21.69 -21.03 12.99
C LEU E 83 -21.97 -21.15 11.49
N ARG E 84 -22.81 -20.25 11.00
CA ARG E 84 -23.09 -20.15 9.57
C ARG E 84 -22.50 -18.86 9.02
N PHE E 85 -22.17 -18.90 7.73
CA PHE E 85 -21.59 -17.75 7.05
C PHE E 85 -22.39 -17.43 5.80
N GLN E 86 -22.57 -16.15 5.51
CA GLN E 86 -23.03 -15.75 4.19
C GLN E 86 -21.88 -15.84 3.21
N SER E 87 -22.21 -16.21 1.97
CA SER E 87 -21.22 -16.26 0.89
C SER E 87 -20.48 -14.94 0.72
N SER E 88 -21.21 -13.83 0.81
CA SER E 88 -20.60 -12.51 0.71
C SER E 88 -19.64 -12.23 1.87
N ALA E 89 -19.88 -12.84 3.04
CA ALA E 89 -18.95 -12.68 4.16
C ALA E 89 -17.63 -13.40 3.89
N VAL E 90 -17.71 -14.64 3.43
CA VAL E 90 -16.52 -15.40 3.05
C VAL E 90 -15.78 -14.70 1.92
N MET E 91 -16.52 -14.10 0.98
CA MET E 91 -15.90 -13.35 -0.11
C MET E 91 -15.18 -12.10 0.39
N ALA E 92 -15.81 -11.35 1.32
CA ALA E 92 -15.16 -10.20 1.91
C ALA E 92 -13.93 -10.59 2.71
N LEU E 93 -13.97 -11.75 3.38
CA LEU E 93 -12.81 -12.22 4.11
C LEU E 93 -11.69 -12.61 3.17
N GLN E 94 -12.03 -13.23 2.03
CA GLN E 94 -11.01 -13.63 1.06
C GLN E 94 -10.37 -12.41 0.42
N GLU E 95 -11.17 -11.40 0.09
CA GLU E 95 -10.62 -10.15 -0.44
C GLU E 95 -9.70 -9.48 0.57
N ALA E 96 -10.17 -9.29 1.82
CA ALA E 96 -9.35 -8.67 2.86
C ALA E 96 -8.06 -9.43 3.12
N SER E 97 -8.16 -10.77 3.24
CA SER E 97 -7.00 -11.63 3.44
C SER E 97 -5.99 -11.50 2.32
N GLU E 98 -6.46 -11.55 1.06
CA GLU E 98 -5.55 -11.47 -0.07
C GLU E 98 -4.92 -10.09 -0.17
N ALA E 99 -5.68 -9.03 0.13
CA ALA E 99 -5.11 -7.68 0.10
C ALA E 99 -4.07 -7.49 1.20
N TYR E 100 -4.32 -8.05 2.39
CA TYR E 100 -3.38 -7.94 3.50
C TYR E 100 -2.09 -8.68 3.19
N LEU E 101 -2.21 -9.90 2.65
CA LEU E 101 -1.01 -10.67 2.33
C LEU E 101 -0.23 -10.04 1.19
N VAL E 102 -0.92 -9.57 0.14
CA VAL E 102 -0.25 -8.87 -0.96
C VAL E 102 0.51 -7.64 -0.48
N ALA E 103 -0.12 -6.83 0.39
CA ALA E 103 0.57 -5.65 0.93
C ALA E 103 1.75 -6.04 1.80
N LEU E 104 1.60 -7.11 2.59
CA LEU E 104 2.70 -7.60 3.41
C LEU E 104 3.86 -8.10 2.56
N PHE E 105 3.56 -8.79 1.46
CA PHE E 105 4.62 -9.25 0.57
C PHE E 105 5.25 -8.11 -0.19
N GLU E 106 4.50 -7.03 -0.47
CA GLU E 106 5.08 -5.83 -1.06
C GLU E 106 6.11 -5.20 -0.12
N ASP E 107 5.74 -5.07 1.14
CA ASP E 107 6.66 -4.52 2.15
C ASP E 107 7.86 -5.44 2.36
N THR E 108 7.61 -6.76 2.43
CA THR E 108 8.67 -7.75 2.52
C THR E 108 9.63 -7.67 1.35
N ASN E 109 9.10 -7.53 0.12
CA ASN E 109 9.96 -7.37 -1.05
C ASN E 109 10.81 -6.12 -0.98
N LEU E 110 10.25 -5.02 -0.47
CA LEU E 110 11.05 -3.80 -0.34
C LEU E 110 12.16 -3.94 0.68
N CYS E 111 11.88 -4.59 1.82
CA CYS E 111 12.93 -4.80 2.81
C CYS E 111 13.95 -5.83 2.34
N ALA E 112 13.49 -6.85 1.61
CA ALA E 112 14.38 -7.85 1.02
C ALA E 112 15.35 -7.22 0.03
N ILE E 113 14.81 -6.47 -0.94
CA ILE E 113 15.63 -5.79 -1.94
C ILE E 113 16.58 -4.79 -1.28
N HIS E 114 16.19 -4.22 -0.14
CA HIS E 114 17.08 -3.35 0.62
C HIS E 114 18.34 -4.08 1.07
N ALA E 115 18.18 -5.30 1.58
CA ALA E 115 19.26 -6.11 2.14
C ALA E 115 20.14 -6.80 1.09
N LYS E 116 20.15 -6.30 -0.16
CA LYS E 116 20.97 -6.78 -1.27
C LYS E 116 20.68 -8.22 -1.68
N ARG E 117 19.49 -8.72 -1.35
CA ARG E 117 19.04 -10.02 -1.82
C ARG E 117 17.84 -9.84 -2.74
N VAL E 118 17.44 -10.92 -3.41
CA VAL E 118 16.25 -10.87 -4.25
C VAL E 118 15.33 -11.99 -3.80
N THR E 119 15.69 -12.67 -2.71
CA THR E 119 14.91 -13.78 -2.18
C THR E 119 14.43 -13.44 -0.77
N ILE E 120 13.10 -13.34 -0.61
CA ILE E 120 12.53 -13.09 0.70
C ILE E 120 12.74 -14.29 1.62
N MET E 121 12.89 -14.04 2.91
CA MET E 121 13.13 -15.03 3.94
C MET E 121 12.18 -14.76 5.09
N PRO E 122 11.97 -15.75 6.00
CA PRO E 122 11.09 -15.51 7.17
C PRO E 122 11.43 -14.30 8.01
N LYS E 123 12.73 -14.03 8.19
CA LYS E 123 13.20 -12.85 8.89
C LYS E 123 12.66 -11.56 8.28
N ASP E 124 12.53 -11.53 6.94
CA ASP E 124 12.03 -10.35 6.26
C ASP E 124 10.57 -10.07 6.60
N ILE E 125 9.73 -11.11 6.61
CA ILE E 125 8.32 -10.95 6.99
C ILE E 125 8.20 -10.56 8.47
N GLN E 126 9.04 -11.15 9.33
CA GLN E 126 9.00 -10.81 10.75
C GLN E 126 9.41 -9.35 10.97
N LEU E 127 10.40 -8.88 10.21
CA LEU E 127 10.80 -7.48 10.26
C LEU E 127 9.68 -6.56 9.80
N ALA E 128 9.01 -6.94 8.70
CA ALA E 128 7.89 -6.16 8.18
C ALA E 128 6.78 -6.03 9.22
N ARG E 129 6.41 -7.13 9.86
CA ARG E 129 5.37 -7.10 10.89
C ARG E 129 5.82 -6.31 12.12
N ARG E 130 7.11 -6.40 12.47
CA ARG E 130 7.63 -5.63 13.60
C ARG E 130 7.52 -4.13 13.34
N ILE E 131 7.98 -3.68 12.17
CA ILE E 131 7.92 -2.25 11.84
C ILE E 131 6.49 -1.76 11.68
N ARG E 132 5.59 -2.60 11.15
CA ARG E 132 4.20 -2.21 11.00
C ARG E 132 3.48 -2.06 12.34
N GLY E 133 4.00 -2.66 13.40
CA GLY E 133 3.38 -2.59 14.70
C GLY E 133 2.40 -3.71 15.00
N GLU E 134 2.40 -4.78 14.21
CA GLU E 134 1.53 -5.91 14.50
C GLU E 134 2.15 -6.93 15.43
N ARG E 135 3.37 -6.68 15.90
CA ARG E 135 4.06 -7.61 16.79
C ARG E 135 4.54 -6.92 18.05
N ASP F 25 -6.90 -30.37 10.30
CA ASP F 25 -5.99 -29.37 9.77
C ASP F 25 -6.48 -28.85 8.42
N ASN F 26 -6.59 -27.53 8.33
CA ASN F 26 -7.02 -26.91 7.08
C ASN F 26 -6.19 -25.71 6.71
N ILE F 27 -5.28 -25.24 7.56
CA ILE F 27 -4.40 -24.13 7.22
C ILE F 27 -3.47 -24.49 6.07
N GLN F 28 -3.20 -25.78 5.85
CA GLN F 28 -2.42 -26.22 4.72
C GLN F 28 -3.25 -26.23 3.43
N GLY F 29 -4.56 -25.99 3.52
CA GLY F 29 -5.39 -25.86 2.34
C GLY F 29 -5.09 -24.62 1.52
N ILE F 30 -4.48 -23.61 2.14
CA ILE F 30 -3.99 -22.46 1.39
C ILE F 30 -2.64 -22.91 0.87
N THR F 31 -2.66 -23.57 -0.29
CA THR F 31 -1.54 -24.33 -0.81
C THR F 31 -0.35 -23.43 -1.19
N LYS F 32 0.81 -24.07 -1.30
CA LYS F 32 2.05 -23.39 -1.65
C LYS F 32 2.03 -22.64 -3.00
N PRO F 33 1.54 -23.21 -4.12
CA PRO F 33 1.36 -22.37 -5.33
C PRO F 33 0.49 -21.14 -5.14
N ALA F 34 -0.61 -21.24 -4.39
CA ALA F 34 -1.45 -20.07 -4.12
C ALA F 34 -0.68 -19.00 -3.35
N ILE F 35 0.12 -19.41 -2.38
CA ILE F 35 0.96 -18.48 -1.62
C ILE F 35 1.99 -17.83 -2.54
N ARG F 36 2.53 -18.62 -3.47
CA ARG F 36 3.43 -18.09 -4.48
C ARG F 36 2.75 -17.03 -5.34
N ARG F 37 1.53 -17.32 -5.81
CA ARG F 37 0.74 -16.36 -6.58
C ARG F 37 0.48 -15.07 -5.80
N LEU F 38 0.15 -15.19 -4.51
CA LEU F 38 -0.01 -14.04 -3.64
C LEU F 38 1.25 -13.18 -3.62
N ALA F 39 2.41 -13.83 -3.46
CA ALA F 39 3.67 -13.11 -3.52
C ALA F 39 3.91 -12.50 -4.91
N ARG F 40 3.46 -13.19 -5.96
CA ARG F 40 3.60 -12.69 -7.33
C ARG F 40 2.85 -11.39 -7.53
N ARG F 41 1.63 -11.29 -6.99
CA ARG F 41 0.92 -10.03 -7.06
C ARG F 41 1.66 -8.94 -6.26
N GLY F 42 2.41 -9.33 -5.24
CA GLY F 42 3.19 -8.39 -4.47
C GLY F 42 4.53 -8.02 -5.06
N GLY F 43 4.94 -8.66 -6.15
CA GLY F 43 6.20 -8.31 -6.78
C GLY F 43 7.40 -9.12 -6.36
N VAL F 44 7.19 -10.23 -5.67
CA VAL F 44 8.29 -11.05 -5.18
C VAL F 44 8.81 -11.92 -6.32
N LYS F 45 10.13 -12.03 -6.45
CA LYS F 45 10.73 -12.75 -7.55
C LYS F 45 11.17 -14.15 -7.17
N ARG F 46 11.79 -14.32 -6.01
CA ARG F 46 12.20 -15.64 -5.53
C ARG F 46 11.75 -15.81 -4.09
N ILE F 47 11.30 -17.02 -3.76
CA ILE F 47 10.66 -17.29 -2.48
C ILE F 47 11.40 -18.45 -1.83
N SER F 48 11.88 -18.23 -0.61
CA SER F 48 12.51 -19.31 0.15
C SER F 48 11.46 -20.34 0.57
N GLY F 49 11.90 -21.59 0.71
CA GLY F 49 11.01 -22.67 1.09
C GLY F 49 10.44 -22.53 2.48
N LEU F 50 11.11 -21.80 3.36
CA LEU F 50 10.64 -21.57 4.73
C LEU F 50 9.58 -20.49 4.84
N ILE F 51 9.31 -19.75 3.75
CA ILE F 51 8.33 -18.67 3.77
C ILE F 51 6.93 -19.17 4.07
N TYR F 52 6.56 -20.33 3.50
CA TYR F 52 5.18 -20.82 3.50
C TYR F 52 4.63 -21.03 4.92
N GLU F 53 5.47 -21.51 5.84
CA GLU F 53 4.98 -21.71 7.21
C GLU F 53 4.75 -20.37 7.91
N GLU F 54 5.64 -19.40 7.67
CA GLU F 54 5.45 -18.06 8.22
C GLU F 54 4.20 -17.39 7.64
N THR F 55 3.94 -17.62 6.35
CA THR F 55 2.78 -17.00 5.71
C THR F 55 1.48 -17.59 6.22
N ARG F 56 1.44 -18.92 6.40
CA ARG F 56 0.26 -19.55 6.99
C ARG F 56 0.05 -19.11 8.43
N GLY F 57 1.14 -18.91 9.19
CA GLY F 57 1.00 -18.41 10.55
C GLY F 57 0.43 -16.99 10.60
N VAL F 58 0.93 -16.12 9.70
CA VAL F 58 0.43 -14.75 9.60
C VAL F 58 -1.04 -14.73 9.22
N LEU F 59 -1.40 -15.55 8.23
CA LEU F 59 -2.78 -15.69 7.78
C LEU F 59 -3.69 -16.17 8.91
N LYS F 60 -3.20 -17.11 9.72
CA LYS F 60 -3.97 -17.62 10.85
C LYS F 60 -4.24 -16.53 11.87
N VAL F 61 -3.20 -15.76 12.24
CA VAL F 61 -3.36 -14.66 13.20
C VAL F 61 -4.35 -13.61 12.68
N PHE F 62 -4.18 -13.17 11.42
CA PHE F 62 -5.07 -12.16 10.84
C PHE F 62 -6.52 -12.63 10.79
N LEU F 63 -6.75 -13.84 10.26
CA LEU F 63 -8.10 -14.37 10.17
C LEU F 63 -8.69 -14.61 11.56
N GLU F 64 -7.87 -15.06 12.52
CA GLU F 64 -8.34 -15.23 13.88
C GLU F 64 -8.86 -13.92 14.47
N ASN F 65 -8.12 -12.83 14.27
CA ASN F 65 -8.57 -11.54 14.83
C ASN F 65 -9.85 -11.03 14.15
N VAL F 66 -9.91 -11.11 12.82
CA VAL F 66 -11.08 -10.58 12.11
C VAL F 66 -12.31 -11.44 12.38
N ILE F 67 -12.16 -12.77 12.31
CA ILE F 67 -13.27 -13.68 12.58
C ILE F 67 -13.73 -13.56 14.02
N ARG F 68 -12.80 -13.44 15.00
CA ARG F 68 -13.17 -13.22 16.40
C ARG F 68 -14.03 -11.97 16.57
N ASP F 69 -13.63 -10.86 15.94
CA ASP F 69 -14.44 -9.65 16.04
C ASP F 69 -15.80 -9.81 15.35
N ALA F 70 -15.83 -10.51 14.21
CA ALA F 70 -17.10 -10.78 13.53
C ALA F 70 -18.04 -11.61 14.39
N VAL F 71 -17.50 -12.64 15.05
CA VAL F 71 -18.30 -13.48 15.93
C VAL F 71 -18.80 -12.68 17.13
N THR F 72 -17.98 -11.75 17.62
CA THR F 72 -18.43 -10.86 18.70
C THR F 72 -19.61 -10.00 18.26
N TYR F 73 -19.57 -9.50 17.02
CA TYR F 73 -20.72 -8.74 16.50
C TYR F 73 -21.95 -9.61 16.32
N THR F 74 -21.79 -10.86 15.89
CA THR F 74 -22.94 -11.75 15.73
C THR F 74 -23.56 -12.10 17.08
N GLU F 75 -22.72 -12.42 18.07
CA GLU F 75 -23.22 -12.72 19.41
C GLU F 75 -23.94 -11.52 20.00
N HIS F 76 -23.47 -10.30 19.72
CA HIS F 76 -24.21 -9.12 20.17
C HIS F 76 -25.57 -8.99 19.50
N ALA F 77 -25.61 -9.15 18.18
CA ALA F 77 -26.86 -8.97 17.43
C ALA F 77 -27.83 -10.12 17.55
N LYS F 78 -27.49 -11.17 18.33
CA LYS F 78 -28.29 -12.39 18.50
C LYS F 78 -28.61 -13.07 17.17
N ARG F 79 -27.65 -13.05 16.25
CA ARG F 79 -27.80 -13.74 14.98
C ARG F 79 -26.79 -14.87 14.91
N LYS F 80 -27.13 -15.92 14.16
CA LYS F 80 -26.25 -17.07 14.04
C LYS F 80 -25.36 -17.01 12.81
N THR F 81 -25.61 -16.11 11.88
CA THR F 81 -24.86 -16.05 10.64
C THR F 81 -23.95 -14.84 10.66
N VAL F 82 -22.68 -15.04 10.30
CA VAL F 82 -21.77 -13.92 10.13
C VAL F 82 -22.15 -13.22 8.83
N THR F 83 -22.62 -11.98 8.95
CA THR F 83 -23.07 -11.24 7.80
C THR F 83 -21.90 -10.44 7.23
N ALA F 84 -22.05 -10.04 5.96
CA ALA F 84 -21.02 -9.24 5.28
C ALA F 84 -20.74 -7.93 6.01
N MET F 85 -21.80 -7.26 6.47
CA MET F 85 -21.66 -5.99 7.19
C MET F 85 -20.84 -6.16 8.47
N ASP F 86 -21.05 -7.26 9.18
CA ASP F 86 -20.25 -7.57 10.37
C ASP F 86 -18.77 -7.69 10.04
N VAL F 87 -18.45 -8.35 8.92
CA VAL F 87 -17.05 -8.48 8.49
C VAL F 87 -16.47 -7.11 8.12
N VAL F 88 -17.23 -6.30 7.40
CA VAL F 88 -16.78 -4.96 7.03
C VAL F 88 -16.49 -4.10 8.25
N TYR F 89 -17.42 -4.09 9.22
CA TYR F 89 -17.21 -3.32 10.44
C TYR F 89 -16.05 -3.86 11.28
N ALA F 90 -15.90 -5.18 11.36
CA ALA F 90 -14.78 -5.79 12.06
C ALA F 90 -13.45 -5.36 11.45
N LEU F 91 -13.36 -5.41 10.12
CA LEU F 91 -12.16 -4.95 9.42
C LEU F 91 -11.92 -3.45 9.66
N LYS F 92 -12.98 -2.65 9.64
CA LYS F 92 -12.86 -1.21 9.84
C LYS F 92 -12.32 -0.90 11.23
N ARG F 93 -12.74 -1.68 12.24
CA ARG F 93 -12.21 -1.53 13.58
C ARG F 93 -10.71 -1.72 13.66
N GLN F 94 -10.13 -2.56 12.80
CA GLN F 94 -8.70 -2.82 12.79
C GLN F 94 -7.96 -1.95 11.77
N GLY F 95 -8.60 -0.89 11.29
CA GLY F 95 -7.98 0.04 10.36
C GLY F 95 -7.70 -0.53 8.99
N ARG F 96 -8.53 -1.45 8.53
CA ARG F 96 -8.42 -2.05 7.20
C ARG F 96 -9.81 -2.09 6.57
N THR F 97 -10.44 -0.91 6.54
CA THR F 97 -11.78 -0.72 5.97
C THR F 97 -11.88 -1.25 4.55
N LEU F 98 -12.99 -1.90 4.25
CA LEU F 98 -13.21 -2.57 2.99
C LEU F 98 -14.43 -1.98 2.27
N TYR F 99 -14.24 -1.58 1.02
CA TYR F 99 -15.29 -1.02 0.19
C TYR F 99 -15.89 -2.10 -0.69
N GLY F 100 -17.20 -2.05 -0.87
CA GLY F 100 -17.85 -2.91 -1.84
C GLY F 100 -18.73 -3.98 -1.24
N PHE F 101 -19.21 -3.74 -0.03
CA PHE F 101 -20.13 -4.68 0.60
C PHE F 101 -21.19 -3.97 1.42
N GLY F 102 -21.23 -2.64 1.41
CA GLY F 102 -22.20 -1.89 2.20
C GLY F 102 -21.52 -0.86 3.09
N GLY G 108 -25.43 7.22 47.78
CA GLY G 108 -24.73 7.32 46.50
C GLY G 108 -24.82 6.01 45.73
N ARG G 109 -25.12 6.11 44.41
CA ARG G 109 -25.14 4.94 43.54
C ARG G 109 -23.78 4.26 43.42
N SER G 110 -22.69 5.01 43.65
CA SER G 110 -21.35 4.44 43.60
C SER G 110 -21.14 3.37 44.66
N SER G 111 -21.53 3.67 45.91
CA SER G 111 -21.36 2.71 46.99
C SER G 111 -22.28 1.51 46.85
N ARG G 112 -23.49 1.73 46.31
CA ARG G 112 -24.43 0.65 46.08
C ARG G 112 -23.92 -0.35 45.06
N ALA G 113 -23.15 0.10 44.08
CA ALA G 113 -22.62 -0.77 43.05
C ALA G 113 -21.24 -1.34 43.38
N GLY G 114 -20.67 -0.93 44.51
CA GLY G 114 -19.33 -1.35 44.91
C GLY G 114 -18.24 -0.89 43.96
N LEU G 115 -18.31 0.37 43.56
CA LEU G 115 -17.33 0.96 42.67
C LEU G 115 -16.80 2.25 43.26
N GLN G 116 -15.58 2.60 42.89
CA GLN G 116 -15.01 3.87 43.32
C GLN G 116 -15.20 4.97 42.28
N PHE G 117 -15.35 4.61 41.02
CA PHE G 117 -15.55 5.57 39.95
C PHE G 117 -17.00 6.07 39.94
N PRO G 118 -17.22 7.34 39.59
CA PRO G 118 -18.57 7.90 39.75
C PRO G 118 -19.51 7.50 38.63
N VAL G 119 -20.43 6.58 38.92
CA VAL G 119 -21.42 6.17 37.94
C VAL G 119 -22.32 7.34 37.52
N GLY G 120 -22.55 8.30 38.42
CA GLY G 120 -23.33 9.48 38.05
C GLY G 120 -22.63 10.33 37.01
N ARG G 121 -21.34 10.60 37.24
CA ARG G 121 -20.55 11.38 36.30
C ARG G 121 -20.44 10.70 34.95
N VAL G 122 -20.18 9.38 34.95
CA VAL G 122 -20.14 8.58 33.73
C VAL G 122 -21.47 8.67 32.97
N HIS G 123 -22.58 8.53 33.70
CA HIS G 123 -23.91 8.64 33.10
C HIS G 123 -24.14 10.02 32.49
N ARG G 124 -23.68 11.08 33.17
CA ARG G 124 -23.87 12.43 32.64
C ARG G 124 -23.06 12.62 31.36
N LEU G 125 -21.80 12.19 31.38
CA LEU G 125 -20.97 12.23 30.18
C LEU G 125 -21.57 11.41 29.04
N LEU G 126 -22.24 10.30 29.35
CA LEU G 126 -22.88 9.50 28.30
C LEU G 126 -24.07 10.23 27.71
N ARG G 127 -24.91 10.83 28.56
CA ARG G 127 -26.08 11.56 28.05
C ARG G 127 -25.67 12.78 27.24
N LYS G 128 -24.74 13.57 27.76
CA LYS G 128 -24.30 14.79 27.10
C LYS G 128 -23.17 14.58 26.10
N GLY G 129 -22.78 13.34 25.85
CA GLY G 129 -21.66 13.05 24.98
C GLY G 129 -22.02 12.70 23.56
N ASN G 130 -23.32 12.76 23.20
CA ASN G 130 -23.84 12.46 21.86
C ASN G 130 -23.45 11.06 21.40
N TYR G 131 -23.79 10.07 22.22
CA TYR G 131 -23.51 8.67 21.93
C TYR G 131 -24.77 7.90 21.58
N ALA G 132 -25.86 8.14 22.28
CA ALA G 132 -27.15 7.59 21.89
C ALA G 132 -28.24 8.53 22.40
N GLU G 133 -29.45 8.35 21.89
CA GLU G 133 -30.56 9.16 22.34
C GLU G 133 -30.99 8.77 23.74
N ARG G 134 -30.79 7.52 24.11
CA ARG G 134 -31.18 7.01 25.42
C ARG G 134 -30.02 6.17 25.96
N VAL G 135 -29.80 6.25 27.25
CA VAL G 135 -28.70 5.54 27.90
C VAL G 135 -29.28 4.64 28.99
N GLY G 136 -29.06 3.34 28.85
CA GLY G 136 -29.55 2.40 29.84
C GLY G 136 -28.91 2.61 31.21
N ALA G 137 -29.68 2.28 32.25
CA ALA G 137 -29.23 2.47 33.63
C ALA G 137 -28.03 1.59 33.98
N GLY G 138 -27.91 0.41 33.37
CA GLY G 138 -26.81 -0.47 33.71
C GLY G 138 -25.52 -0.12 33.01
N ALA G 139 -25.61 0.60 31.89
CA ALA G 139 -24.45 1.02 31.11
C ALA G 139 -23.41 1.83 31.90
N PRO G 140 -23.74 2.92 32.62
CA PRO G 140 -22.67 3.63 33.34
C PRO G 140 -22.05 2.80 34.44
N VAL G 141 -22.82 1.95 35.12
CA VAL G 141 -22.27 1.05 36.13
C VAL G 141 -21.26 0.11 35.51
N TYR G 142 -21.61 -0.48 34.36
CA TYR G 142 -20.72 -1.41 33.68
C TYR G 142 -19.46 -0.71 33.19
N LEU G 143 -19.62 0.49 32.65
CA LEU G 143 -18.50 1.25 32.13
C LEU G 143 -17.56 1.70 33.24
N ALA G 144 -18.12 2.19 34.34
CA ALA G 144 -17.33 2.53 35.52
C ALA G 144 -16.56 1.33 36.05
N ALA G 145 -17.18 0.15 36.05
CA ALA G 145 -16.48 -1.06 36.48
C ALA G 145 -15.29 -1.37 35.58
N VAL G 146 -15.46 -1.24 34.26
CA VAL G 146 -14.37 -1.54 33.34
C VAL G 146 -13.25 -0.50 33.48
N LEU G 147 -13.61 0.75 33.71
CA LEU G 147 -12.61 1.81 33.93
C LEU G 147 -11.85 1.57 35.22
N GLU G 148 -12.55 1.15 36.28
CA GLU G 148 -11.89 0.83 37.55
C GLU G 148 -10.92 -0.32 37.39
N TYR G 149 -11.30 -1.35 36.62
CA TYR G 149 -10.38 -2.47 36.41
C TYR G 149 -9.13 -2.05 35.67
N LEU G 150 -9.27 -1.33 34.55
CA LEU G 150 -8.10 -0.90 33.79
C LEU G 150 -7.19 0.04 34.58
N THR G 151 -7.80 0.98 35.32
CA THR G 151 -7.04 1.88 36.18
C THR G 151 -6.31 1.12 37.28
N ALA G 152 -7.00 0.15 37.91
CA ALA G 152 -6.39 -0.63 38.98
C ALA G 152 -5.22 -1.45 38.48
N GLU G 153 -5.34 -2.06 37.29
CA GLU G 153 -4.24 -2.84 36.74
C GLU G 153 -3.01 -1.98 36.45
N ILE G 154 -3.21 -0.83 35.78
CA ILE G 154 -2.07 0.04 35.44
C ILE G 154 -1.43 0.60 36.70
N LEU G 155 -2.24 1.06 37.67
CA LEU G 155 -1.71 1.58 38.92
C LEU G 155 -0.96 0.52 39.70
N GLU G 156 -1.50 -0.71 39.78
CA GLU G 156 -0.82 -1.78 40.49
C GLU G 156 0.54 -2.10 39.89
N LEU G 157 0.62 -2.14 38.55
CA LEU G 157 1.90 -2.44 37.91
C LEU G 157 2.88 -1.29 38.06
N ALA G 158 2.39 -0.05 37.98
CA ALA G 158 3.26 1.11 38.19
C ALA G 158 3.78 1.18 39.61
N GLY G 159 2.92 0.89 40.58
CA GLY G 159 3.34 0.80 41.98
C GLY G 159 4.42 -0.24 42.20
N ASN G 160 4.21 -1.45 41.66
CA ASN G 160 5.22 -2.50 41.73
C ASN G 160 6.56 -2.03 41.14
N ALA G 161 6.53 -1.42 39.95
CA ALA G 161 7.75 -0.91 39.32
C ALA G 161 8.39 0.19 40.17
N ALA G 162 7.57 1.01 40.83
CA ALA G 162 8.09 2.09 41.66
C ALA G 162 8.81 1.53 42.88
N ARG G 163 8.25 0.50 43.52
CA ARG G 163 8.98 -0.18 44.59
C ARG G 163 10.25 -0.82 44.05
N ASP G 164 10.20 -1.36 42.82
CA ASP G 164 11.39 -1.91 42.18
C ASP G 164 12.40 -0.84 41.76
N ASN G 165 12.08 0.45 41.92
CA ASN G 165 13.03 1.53 41.72
C ASN G 165 13.24 2.33 43.00
N LYS G 166 12.84 1.75 44.14
CA LYS G 166 12.98 2.32 45.49
C LYS G 166 12.34 3.71 45.62
N LYS G 167 11.18 3.86 45.00
CA LYS G 167 10.40 5.09 45.09
C LYS G 167 8.99 4.74 45.53
N THR G 168 8.39 5.60 46.34
CA THR G 168 7.03 5.38 46.77
C THR G 168 6.04 6.25 46.01
N ARG G 169 6.51 7.19 45.21
CA ARG G 169 5.67 8.08 44.42
C ARG G 169 5.75 7.67 42.96
N ILE G 170 4.61 7.42 42.36
CA ILE G 170 4.55 7.00 40.97
C ILE G 170 4.80 8.21 40.07
N ILE G 171 5.79 8.09 39.19
CA ILE G 171 6.14 9.13 38.22
C ILE G 171 5.90 8.53 36.85
N PRO G 172 5.76 9.38 35.76
CA PRO G 172 5.52 8.87 34.40
C PRO G 172 6.36 7.70 33.90
N ARG G 173 7.64 7.65 34.29
CA ARG G 173 8.51 6.55 33.91
C ARG G 173 7.97 5.21 34.42
N HIS G 174 7.41 5.20 35.63
CA HIS G 174 6.85 3.96 36.17
C HIS G 174 5.59 3.55 35.43
N LEU G 175 4.72 4.51 35.11
CA LEU G 175 3.56 4.22 34.26
C LEU G 175 3.97 3.65 32.90
N GLN G 176 5.07 4.19 32.34
CA GLN G 176 5.59 3.69 31.07
C GLN G 176 6.04 2.24 31.18
N LEU G 177 6.88 1.96 32.18
CA LEU G 177 7.31 0.58 32.46
C LEU G 177 6.13 -0.36 32.70
N ALA G 178 5.11 0.12 33.42
CA ALA G 178 3.91 -0.66 33.67
C ALA G 178 3.17 -1.00 32.38
N VAL G 179 3.02 0.00 31.50
CA VAL G 179 2.30 -0.20 30.25
C VAL G 179 3.05 -1.15 29.33
N ARG G 180 4.34 -0.92 29.15
CA ARG G 180 5.08 -1.69 28.16
C ARG G 180 5.45 -3.09 28.60
N ASN G 181 5.43 -3.41 29.88
CA ASN G 181 5.75 -4.76 30.33
C ASN G 181 4.53 -5.67 30.40
N ASP G 182 3.35 -5.15 30.13
CA ASP G 182 2.14 -5.95 30.03
C ASP G 182 1.81 -6.03 28.54
N GLU G 183 1.88 -7.25 27.99
CA GLU G 183 1.65 -7.47 26.56
C GLU G 183 0.25 -7.01 26.13
N GLU G 184 -0.78 -7.28 26.93
CA GLU G 184 -2.13 -6.93 26.54
C GLU G 184 -2.38 -5.43 26.65
N LEU G 185 -1.75 -4.78 27.64
CA LEU G 185 -1.82 -3.33 27.72
C LEU G 185 -1.03 -2.68 26.60
N ASN G 186 0.12 -3.27 26.25
CA ASN G 186 0.88 -2.81 25.09
C ASN G 186 0.06 -2.91 23.81
N LYS G 187 -0.78 -3.95 23.69
CA LYS G 187 -1.63 -4.09 22.52
C LYS G 187 -2.77 -3.08 22.56
N LEU G 188 -3.31 -2.83 23.76
CA LEU G 188 -4.34 -1.81 23.93
C LEU G 188 -3.77 -0.41 23.74
N LEU G 189 -2.49 -0.21 24.06
CA LEU G 189 -1.91 1.12 23.95
C LEU G 189 -0.74 1.16 22.97
N GLY G 190 -0.91 0.56 21.80
CA GLY G 190 0.17 0.52 20.82
C GLY G 190 0.37 1.81 20.06
N ARG G 191 -0.64 2.67 20.04
CA ARG G 191 -0.57 3.97 19.39
C ARG G 191 -0.50 5.10 20.41
N VAL G 192 -0.26 4.76 21.67
CA VAL G 192 -0.24 5.73 22.76
C VAL G 192 1.19 6.08 23.12
N THR G 193 1.41 7.36 23.41
CA THR G 193 2.69 7.87 23.88
C THR G 193 2.49 8.49 25.24
N ILE G 194 3.28 8.05 26.22
CA ILE G 194 3.23 8.58 27.58
C ILE G 194 4.30 9.66 27.69
N ALA G 195 3.86 10.87 28.03
CA ALA G 195 4.79 12.00 28.18
C ALA G 195 5.78 11.74 29.31
N GLN G 196 7.05 12.07 29.04
CA GLN G 196 8.19 11.88 29.93
C GLN G 196 8.42 10.41 30.27
N GLY G 197 7.93 9.50 29.45
CA GLY G 197 8.03 8.08 29.75
C GLY G 197 9.35 7.44 29.39
N GLY G 198 9.97 7.86 28.29
CA GLY G 198 11.22 7.24 27.89
C GLY G 198 10.98 5.96 27.11
N VAL G 199 11.98 5.06 27.16
CA VAL G 199 11.99 3.81 26.39
C VAL G 199 12.47 2.70 27.31
N LEU G 200 12.11 1.48 26.98
CA LEU G 200 12.56 0.29 27.71
C LEU G 200 14.05 0.11 27.51
N PRO G 201 14.79 -0.36 28.52
CA PRO G 201 16.20 -0.72 28.30
C PRO G 201 16.36 -1.90 27.35
N ASN G 202 16.21 -1.71 26.04
CA ASN G 202 16.36 -2.79 25.07
C ASN G 202 17.58 -2.54 24.18
N ILE G 203 18.63 -3.32 24.38
CA ILE G 203 19.82 -3.24 23.55
C ILE G 203 19.91 -4.51 22.72
N GLN G 204 20.01 -4.33 21.41
CA GLN G 204 20.04 -5.45 20.48
C GLN G 204 21.32 -6.27 20.66
N SER G 205 21.18 -7.59 20.52
CA SER G 205 22.26 -8.55 20.74
C SER G 205 23.48 -8.27 19.86
N VAL G 206 23.25 -7.90 18.60
CA VAL G 206 24.31 -7.70 17.63
C VAL G 206 25.24 -6.53 17.99
N LEU G 207 24.79 -5.61 18.83
CA LEU G 207 25.62 -4.47 19.21
C LEU G 207 26.46 -4.74 20.45
N LEU G 208 26.10 -5.76 21.23
CA LEU G 208 26.85 -6.11 22.43
C LEU G 208 28.25 -6.63 22.08
N PRO G 209 29.27 -6.25 22.86
CA PRO G 209 30.65 -6.68 22.59
C PRO G 209 30.83 -8.20 22.59
N LYS G 210 31.77 -8.67 21.78
CA LYS G 210 32.06 -10.08 21.66
C LYS G 210 33.56 -10.34 21.82
N ARG H 28 -14.03 32.06 41.76
CA ARG H 28 -13.55 32.80 40.61
C ARG H 28 -12.64 31.97 39.71
N LYS H 29 -13.04 30.73 39.45
CA LYS H 29 -12.37 29.85 38.51
C LYS H 29 -13.39 28.84 38.00
N THR H 30 -13.35 28.59 36.69
CA THR H 30 -14.26 27.65 36.07
C THR H 30 -14.01 26.22 36.56
N ARG H 31 -15.10 25.51 36.84
CA ARG H 31 -15.02 24.14 37.34
C ARG H 31 -14.52 23.24 36.23
N LYS H 32 -13.33 22.68 36.41
CA LYS H 32 -12.74 21.73 35.47
C LYS H 32 -12.70 20.38 36.16
N GLU H 33 -13.61 19.49 35.76
CA GLU H 33 -13.73 18.19 36.38
C GLU H 33 -12.54 17.31 36.03
N SER H 34 -12.41 16.20 36.77
CA SER H 34 -11.28 15.31 36.62
C SER H 34 -11.65 13.97 37.22
N TYR H 35 -10.73 13.02 37.09
CA TYR H 35 -10.82 11.71 37.69
C TYR H 35 -9.82 11.52 38.81
N ALA H 36 -9.18 12.61 39.24
CA ALA H 36 -8.09 12.60 40.22
C ALA H 36 -8.39 11.82 41.50
N ILE H 37 -9.46 12.23 42.20
CA ILE H 37 -9.78 11.63 43.49
C ILE H 37 -10.16 10.15 43.37
N TYR H 38 -10.73 9.74 42.24
CA TYR H 38 -11.14 8.34 42.10
C TYR H 38 -9.95 7.44 41.80
N VAL H 39 -9.03 7.93 40.96
CA VAL H 39 -7.77 7.22 40.72
C VAL H 39 -6.97 7.15 42.01
N TYR H 40 -7.08 8.18 42.85
CA TYR H 40 -6.40 8.19 44.14
C TYR H 40 -7.00 7.17 45.09
N LYS H 41 -8.34 7.08 45.11
CA LYS H 41 -9.03 6.06 45.92
C LYS H 41 -8.64 4.65 45.49
N VAL H 42 -8.62 4.39 44.18
CA VAL H 42 -8.21 3.08 43.68
C VAL H 42 -6.76 2.78 44.04
N LEU H 43 -5.88 3.79 43.96
CA LEU H 43 -4.49 3.61 44.33
C LEU H 43 -4.34 3.26 45.81
N LYS H 44 -5.14 3.91 46.67
CA LYS H 44 -5.09 3.57 48.08
C LYS H 44 -5.71 2.22 48.37
N GLN H 45 -6.64 1.74 47.54
CA GLN H 45 -7.20 0.41 47.77
C GLN H 45 -6.28 -0.70 47.29
N VAL H 46 -5.45 -0.45 46.27
CA VAL H 46 -4.59 -1.49 45.73
C VAL H 46 -3.20 -1.45 46.34
N HIS H 47 -2.66 -0.25 46.55
CA HIS H 47 -1.35 -0.08 47.18
C HIS H 47 -1.50 0.69 48.48
N PRO H 48 -1.16 0.06 49.61
CA PRO H 48 -1.30 0.74 50.91
C PRO H 48 -0.46 1.99 51.05
N ASP H 49 0.86 1.88 50.97
CA ASP H 49 1.75 3.04 51.13
C ASP H 49 2.38 3.42 49.79
N THR H 50 1.65 4.23 49.03
CA THR H 50 2.11 4.69 47.72
C THR H 50 1.38 5.98 47.38
N GLY H 51 2.13 6.96 46.87
CA GLY H 51 1.57 8.20 46.41
C GLY H 51 1.67 8.27 44.89
N ILE H 52 1.27 9.41 44.36
CA ILE H 52 1.27 9.60 42.91
C ILE H 52 1.50 11.07 42.59
N SER H 53 2.37 11.32 41.63
CA SER H 53 2.72 12.69 41.24
C SER H 53 1.61 13.33 40.43
N SER H 54 1.68 14.66 40.34
CA SER H 54 0.73 15.45 39.55
C SER H 54 0.73 15.05 38.08
N LYS H 55 1.92 14.92 37.49
CA LYS H 55 2.02 14.56 36.08
C LYS H 55 1.50 13.15 35.83
N ALA H 56 1.78 12.23 36.75
CA ALA H 56 1.26 10.87 36.63
C ALA H 56 -0.25 10.85 36.77
N MET H 57 -0.79 11.70 37.64
CA MET H 57 -2.23 11.80 37.78
C MET H 57 -2.87 12.40 36.53
N SER H 58 -2.18 13.35 35.89
CA SER H 58 -2.66 13.93 34.64
C SER H 58 -2.69 12.88 33.53
N ILE H 59 -1.61 12.09 33.43
CA ILE H 59 -1.56 10.99 32.47
C ILE H 59 -2.68 10.00 32.70
N MET H 60 -2.90 9.59 33.96
CA MET H 60 -3.99 8.67 34.29
C MET H 60 -5.35 9.26 33.98
N ASN H 61 -5.53 10.56 34.20
CA ASN H 61 -6.80 11.21 33.92
C ASN H 61 -7.09 11.27 32.42
N SER H 62 -6.07 11.60 31.63
CA SER H 62 -6.24 11.60 30.19
C SER H 62 -6.45 10.19 29.66
N PHE H 63 -5.80 9.20 30.29
CA PHE H 63 -5.98 7.81 29.91
C PHE H 63 -7.42 7.34 30.15
N VAL H 64 -7.98 7.70 31.31
CA VAL H 64 -9.34 7.32 31.64
C VAL H 64 -10.33 7.99 30.68
N ASN H 65 -10.12 9.27 30.39
CA ASN H 65 -10.97 9.95 29.42
C ASN H 65 -10.85 9.34 28.02
N ASP H 66 -9.63 8.94 27.64
CA ASP H 66 -9.40 8.29 26.35
C ASP H 66 -10.15 6.96 26.25
N VAL H 67 -9.94 6.07 27.23
CA VAL H 67 -10.62 4.76 27.24
C VAL H 67 -12.13 4.92 27.29
N PHE H 68 -12.60 5.93 28.04
CA PHE H 68 -14.03 6.25 28.07
C PHE H 68 -14.53 6.64 26.69
N GLU H 69 -13.79 7.50 25.99
CA GLU H 69 -14.17 7.91 24.65
C GLU H 69 -14.19 6.74 23.67
N ARG H 70 -13.16 5.87 23.74
CA ARG H 70 -13.11 4.67 22.90
C ARG H 70 -14.31 3.76 23.13
N ILE H 71 -14.56 3.39 24.39
CA ILE H 71 -15.65 2.46 24.72
C ILE H 71 -17.00 3.07 24.37
N ALA H 72 -17.21 4.35 24.68
CA ALA H 72 -18.49 4.99 24.36
C ALA H 72 -18.68 5.15 22.86
N GLY H 73 -17.61 5.46 22.11
CA GLY H 73 -17.71 5.53 20.66
C GLY H 73 -18.03 4.18 20.04
N GLU H 74 -17.36 3.12 20.53
CA GLU H 74 -17.62 1.78 20.03
C GLU H 74 -19.04 1.33 20.35
N ALA H 75 -19.53 1.64 21.55
CA ALA H 75 -20.92 1.32 21.88
C ALA H 75 -21.89 2.12 21.03
N SER H 76 -21.55 3.38 20.72
CA SER H 76 -22.41 4.21 19.89
C SER H 76 -22.51 3.66 18.47
N ARG H 77 -21.37 3.32 17.86
CA ARG H 77 -21.41 2.77 16.51
C ARG H 77 -22.04 1.38 16.49
N LEU H 78 -21.80 0.57 17.52
CA LEU H 78 -22.43 -0.73 17.63
C LEU H 78 -23.95 -0.63 17.73
N ALA H 79 -24.44 0.33 18.51
CA ALA H 79 -25.89 0.56 18.59
C ALA H 79 -26.43 1.05 17.27
N HIS H 80 -25.67 1.89 16.56
CA HIS H 80 -26.11 2.41 15.27
C HIS H 80 -26.22 1.31 14.22
N TYR H 81 -25.19 0.46 14.12
CA TYR H 81 -25.14 -0.67 13.17
C TYR H 81 -26.39 -1.55 13.25
N ASN H 82 -26.82 -1.89 14.45
CA ASN H 82 -27.92 -2.81 14.65
C ASN H 82 -29.26 -2.12 14.76
N LYS H 83 -29.35 -0.87 14.26
CA LYS H 83 -30.59 -0.07 14.22
C LYS H 83 -31.23 0.06 15.60
N ARG H 84 -30.40 0.27 16.60
CA ARG H 84 -30.83 0.50 17.97
C ARG H 84 -30.51 1.94 18.34
N SER H 85 -31.33 2.52 19.21
CA SER H 85 -31.11 3.89 19.64
C SER H 85 -30.75 4.01 21.12
N THR H 86 -30.44 2.89 21.78
CA THR H 86 -30.17 2.91 23.21
C THR H 86 -28.88 2.15 23.51
N ILE H 87 -28.02 2.75 24.32
CA ILE H 87 -26.83 2.08 24.84
C ILE H 87 -27.23 1.37 26.12
N THR H 88 -27.29 0.05 26.08
CA THR H 88 -27.65 -0.78 27.22
C THR H 88 -26.37 -1.45 27.70
N SER H 89 -26.48 -2.33 28.70
CA SER H 89 -25.34 -3.09 29.19
C SER H 89 -24.74 -3.99 28.11
N ARG H 90 -25.57 -4.47 27.17
CA ARG H 90 -25.11 -5.34 26.10
C ARG H 90 -24.09 -4.66 25.21
N GLU H 91 -24.36 -3.42 24.80
CA GLU H 91 -23.45 -2.68 23.94
C GLU H 91 -22.11 -2.43 24.61
N ILE H 92 -22.14 -2.00 25.88
CA ILE H 92 -20.92 -1.82 26.65
C ILE H 92 -20.14 -3.12 26.78
N GLN H 93 -20.85 -4.23 27.02
CA GLN H 93 -20.19 -5.54 27.15
C GLN H 93 -19.50 -5.95 25.86
N THR H 94 -20.21 -5.82 24.74
CA THR H 94 -19.63 -6.17 23.44
C THR H 94 -18.47 -5.24 23.07
N ALA H 95 -18.59 -3.95 23.38
CA ALA H 95 -17.50 -3.01 23.10
C ALA H 95 -16.26 -3.32 23.94
N VAL H 96 -16.46 -3.73 25.20
CA VAL H 96 -15.35 -4.11 26.06
C VAL H 96 -14.67 -5.37 25.52
N ARG H 97 -15.46 -6.37 25.11
CA ARG H 97 -14.86 -7.56 24.51
C ARG H 97 -14.16 -7.26 23.18
N LEU H 98 -14.63 -6.25 22.44
CA LEU H 98 -13.98 -5.89 21.19
C LEU H 98 -12.68 -5.15 21.41
N LEU H 99 -12.61 -4.27 22.42
CA LEU H 99 -11.44 -3.41 22.55
C LEU H 99 -10.35 -3.99 23.42
N LEU H 100 -10.71 -4.78 24.40
CA LEU H 100 -9.63 -5.26 25.26
C LEU H 100 -9.16 -6.62 24.81
N PRO H 101 -7.86 -6.81 24.65
CA PRO H 101 -7.35 -8.13 24.25
C PRO H 101 -7.39 -9.14 25.39
N GLY H 102 -7.70 -10.39 25.04
CA GLY H 102 -7.63 -11.56 25.91
C GLY H 102 -8.04 -11.51 27.38
N GLU H 103 -7.06 -11.78 28.24
CA GLU H 103 -7.29 -11.91 29.69
C GLU H 103 -7.86 -10.63 30.27
N LEU H 104 -7.40 -9.47 29.79
CA LEU H 104 -8.00 -8.18 30.17
C LEU H 104 -9.50 -8.16 29.91
N ALA H 105 -9.91 -8.62 28.72
CA ALA H 105 -11.33 -8.67 28.37
C ALA H 105 -12.09 -9.61 29.30
N LYS H 106 -11.52 -10.79 29.55
CA LYS H 106 -12.14 -11.77 30.46
C LYS H 106 -12.39 -11.18 31.85
N HIS H 107 -11.36 -10.57 32.45
CA HIS H 107 -11.55 -10.00 33.77
C HIS H 107 -12.46 -8.77 33.74
N ALA H 108 -12.40 -7.97 32.67
CA ALA H 108 -13.27 -6.80 32.57
C ALA H 108 -14.74 -7.19 32.42
N VAL H 109 -15.04 -8.24 31.66
CA VAL H 109 -16.43 -8.67 31.54
C VAL H 109 -16.90 -9.28 32.85
N SER H 110 -15.99 -9.96 33.58
CA SER H 110 -16.31 -10.42 34.94
C SER H 110 -16.66 -9.27 35.87
N GLU H 111 -15.85 -8.21 35.85
CA GLU H 111 -16.10 -7.04 36.69
C GLU H 111 -17.41 -6.34 36.32
N GLY H 112 -17.67 -6.19 35.02
CA GLY H 112 -18.92 -5.58 34.55
C GLY H 112 -20.14 -6.35 35.02
N THR H 113 -20.15 -7.66 34.80
CA THR H 113 -21.27 -8.50 35.24
C THR H 113 -21.45 -8.46 36.75
N LYS H 114 -20.34 -8.52 37.51
CA LYS H 114 -20.39 -8.39 38.97
C LYS H 114 -21.04 -7.08 39.40
N ALA H 115 -20.59 -5.97 38.81
CA ALA H 115 -21.11 -4.65 39.16
C ALA H 115 -22.60 -4.53 38.86
N VAL H 116 -23.03 -4.97 37.67
CA VAL H 116 -24.45 -4.92 37.32
C VAL H 116 -25.28 -5.81 38.23
N THR H 117 -24.75 -7.00 38.58
CA THR H 117 -25.42 -7.92 39.50
C THR H 117 -25.63 -7.29 40.87
N LYS H 118 -24.57 -6.68 41.42
CA LYS H 118 -24.68 -5.99 42.69
C LYS H 118 -25.62 -4.79 42.61
N TYR H 119 -25.56 -4.04 41.51
CA TYR H 119 -26.35 -2.81 41.37
C TYR H 119 -27.84 -3.08 41.22
N THR H 120 -28.23 -4.14 40.50
CA THR H 120 -29.65 -4.43 40.37
C THR H 120 -30.26 -4.95 41.66
N SER H 121 -29.45 -5.58 42.52
CA SER H 121 -29.93 -6.10 43.79
C SER H 121 -30.19 -4.97 44.79
N SER K 80 36.44 -16.83 -32.27
CA SER K 80 37.69 -17.40 -32.77
C SER K 80 37.67 -17.47 -34.30
N SER K 81 38.60 -18.24 -34.87
CA SER K 81 38.69 -18.41 -36.32
C SER K 81 38.95 -19.86 -36.66
N LYS K 82 38.23 -20.78 -36.03
CA LYS K 82 38.50 -22.21 -36.23
C LYS K 82 37.85 -22.73 -37.51
N LEU K 83 36.65 -22.22 -37.84
CA LEU K 83 35.94 -22.66 -39.03
C LEU K 83 36.24 -21.71 -40.19
N PRO K 84 37.53 -21.50 -40.42
CA PRO K 84 38.00 -20.64 -41.51
C PRO K 84 38.13 -21.42 -42.82
N PRO K 88 35.95 -19.76 -49.15
CA PRO K 88 34.87 -20.05 -50.08
C PRO K 88 33.59 -20.39 -49.33
N PRO K 89 32.80 -19.35 -49.04
CA PRO K 89 31.51 -19.52 -48.37
C PRO K 89 30.54 -20.21 -49.33
N GLN K 90 29.52 -20.87 -48.79
CA GLN K 90 28.60 -21.65 -49.59
C GLN K 90 27.26 -20.94 -49.61
N LEU K 91 26.38 -21.43 -50.49
CA LEU K 91 25.00 -20.95 -50.56
C LEU K 91 24.12 -21.76 -49.61
N PHE K 92 22.81 -21.64 -49.77
CA PHE K 92 21.87 -22.40 -48.95
C PHE K 92 21.08 -23.41 -49.76
N ASN K 93 20.57 -23.02 -50.94
CA ASN K 93 19.82 -23.92 -51.80
C ASN K 93 20.60 -24.32 -53.05
N GLU K 101 29.20 -27.38 -52.62
CA GLU K 101 29.77 -27.27 -51.28
C GLU K 101 28.75 -26.76 -50.27
N ALA K 102 27.51 -26.60 -50.72
CA ALA K 102 26.43 -26.16 -49.85
C ALA K 102 25.62 -27.36 -49.36
N CYS K 103 24.54 -27.11 -48.62
CA CYS K 103 23.69 -28.18 -48.11
C CYS K 103 22.67 -28.55 -49.18
N ARG K 104 21.67 -29.36 -48.79
CA ARG K 104 20.62 -29.72 -49.73
C ARG K 104 19.69 -28.52 -49.96
N THR K 105 19.00 -28.55 -51.09
CA THR K 105 18.21 -27.41 -51.51
C THR K 105 16.91 -27.31 -50.71
N PHE K 106 16.44 -26.08 -50.56
CA PHE K 106 15.17 -25.76 -49.90
C PHE K 106 14.73 -24.40 -50.41
N GLN K 107 13.71 -23.83 -49.77
CA GLN K 107 13.23 -22.49 -50.11
C GLN K 107 13.51 -21.55 -48.95
N VAL K 108 14.13 -20.41 -49.25
CA VAL K 108 14.45 -19.43 -48.22
C VAL K 108 13.16 -18.73 -47.80
N ILE K 109 12.88 -18.78 -46.50
CA ILE K 109 11.69 -18.15 -45.92
C ILE K 109 12.13 -17.11 -44.90
N SER K 110 11.27 -16.13 -44.68
CA SER K 110 11.51 -15.10 -43.67
C SER K 110 10.26 -14.71 -42.90
N ASP K 111 9.12 -15.30 -43.22
CA ASP K 111 7.83 -14.96 -42.63
C ASP K 111 7.25 -16.17 -41.92
N CYS K 112 5.99 -16.03 -41.50
CA CYS K 112 5.25 -17.11 -40.85
C CYS K 112 4.58 -17.95 -41.92
N LEU K 113 5.17 -19.11 -42.19
CA LEU K 113 4.61 -20.08 -43.14
C LEU K 113 4.49 -21.43 -42.46
N TYR K 114 3.91 -21.45 -41.27
CA TYR K 114 3.91 -22.65 -40.43
C TYR K 114 2.85 -23.64 -40.89
N GLY K 115 2.65 -24.68 -40.10
CA GLY K 115 1.61 -25.65 -40.39
C GLY K 115 0.22 -25.11 -40.17
N SER K 116 -0.15 -24.87 -38.92
CA SER K 116 -1.44 -24.26 -38.60
C SER K 116 -1.26 -22.95 -37.86
N ARG K 117 -0.50 -22.99 -36.77
CA ARG K 117 -0.29 -21.82 -35.93
C ARG K 117 1.20 -21.53 -35.78
N SER K 121 0.25 -21.68 -30.14
CA SER K 121 0.47 -20.24 -30.12
C SER K 121 1.14 -19.83 -28.82
N SER K 122 0.91 -18.59 -28.40
CA SER K 122 1.43 -18.12 -27.12
C SER K 122 0.42 -17.37 -26.27
N ASP K 123 -0.64 -16.82 -26.85
CA ASP K 123 -1.81 -16.16 -26.25
C ASP K 123 -1.47 -15.06 -25.23
N HIS K 124 -0.26 -14.52 -25.25
CA HIS K 124 0.17 -13.52 -24.27
C HIS K 124 0.18 -12.15 -24.94
N ASP K 125 -0.88 -11.37 -24.69
CA ASP K 125 -1.01 -10.04 -25.28
C ASP K 125 -0.07 -9.05 -24.57
N ALA K 126 0.93 -8.59 -25.31
CA ALA K 126 1.88 -7.60 -24.79
C ALA K 126 1.31 -6.21 -25.02
N LEU K 127 1.00 -5.50 -23.94
CA LEU K 127 0.36 -4.21 -24.10
C LEU K 127 1.39 -3.11 -24.27
N ASP K 128 0.91 -1.95 -24.74
CA ASP K 128 1.73 -0.82 -25.15
C ASP K 128 2.37 -0.19 -23.93
N CYS K 129 3.67 -0.41 -23.76
CA CYS K 129 4.37 0.13 -22.61
C CYS K 129 4.66 1.62 -22.78
N ASP K 130 4.96 2.27 -21.66
CA ASP K 130 5.25 3.70 -21.58
C ASP K 130 6.75 3.94 -21.54
N CYS K 131 7.51 3.18 -22.33
CA CYS K 131 8.96 3.33 -22.35
C CYS K 131 9.36 4.66 -23.00
N ALA K 132 10.22 5.40 -22.30
CA ALA K 132 10.80 6.60 -22.86
C ALA K 132 11.75 6.22 -23.99
N GLU K 133 11.73 6.99 -25.07
CA GLU K 133 12.35 6.55 -26.31
C GLU K 133 13.84 6.87 -26.35
N ASP K 134 14.18 8.15 -26.21
CA ASP K 134 15.43 8.74 -26.71
C ASP K 134 15.64 8.29 -28.16
N TRP K 135 14.61 8.68 -29.00
CA TRP K 135 14.65 8.28 -30.41
C TRP K 135 13.83 9.27 -31.21
N ARG K 136 14.47 9.94 -32.16
CA ARG K 136 13.76 10.64 -33.23
C ARG K 136 14.32 10.28 -34.59
N ASP K 137 15.62 10.08 -34.70
CA ASP K 137 16.30 9.76 -35.96
C ASP K 137 17.22 8.57 -35.79
N GLY K 138 17.20 7.95 -34.61
CA GLY K 138 18.08 6.83 -34.35
C GLY K 138 19.33 7.18 -33.57
N LYS K 139 19.25 8.19 -32.70
CA LYS K 139 20.39 8.50 -31.84
C LYS K 139 20.55 7.42 -30.77
N ASN K 140 19.44 6.86 -30.31
CA ASN K 140 19.46 5.72 -29.40
C ASN K 140 18.20 4.91 -29.64
N HIS K 141 18.30 3.60 -29.39
CA HIS K 141 17.19 2.71 -29.65
C HIS K 141 16.12 2.86 -28.57
N ALA K 142 14.86 2.96 -29.00
CA ALA K 142 13.74 3.30 -28.13
C ALA K 142 13.47 2.28 -27.02
N CYS K 143 13.02 1.08 -27.39
CA CYS K 143 13.06 -0.05 -26.45
C CYS K 143 14.42 -0.72 -26.62
N GLY K 144 15.37 -0.25 -25.81
CA GLY K 144 16.77 -0.53 -26.06
C GLY K 144 17.15 -1.99 -25.90
N GLU K 145 18.15 -2.38 -26.70
CA GLU K 145 18.53 -3.78 -26.81
C GLU K 145 19.24 -4.30 -25.57
N ASP K 146 19.75 -3.41 -24.70
CA ASP K 146 20.35 -3.87 -23.45
C ASP K 146 20.04 -2.94 -22.29
N SER K 147 19.10 -2.02 -22.44
CA SER K 147 18.69 -1.16 -21.34
C SER K 147 17.48 -1.77 -20.62
N ASP K 148 16.83 -0.98 -19.77
CA ASP K 148 15.74 -1.45 -18.93
C ASP K 148 14.40 -1.07 -19.55
N CYS K 149 14.01 -1.83 -20.58
CA CYS K 149 12.65 -1.79 -21.09
C CYS K 149 11.94 -3.08 -20.70
N ILE K 150 10.70 -2.95 -20.22
CA ILE K 150 9.97 -4.03 -19.56
C ILE K 150 9.58 -5.13 -20.54
N ASN K 151 9.43 -4.79 -21.82
CA ASN K 151 9.09 -5.81 -22.81
C ASN K 151 10.24 -6.76 -23.09
N ARG K 152 11.44 -6.22 -23.35
CA ARG K 152 12.58 -7.04 -23.74
C ARG K 152 13.14 -7.83 -22.58
N ALA K 153 12.82 -7.44 -21.34
CA ALA K 153 13.43 -8.08 -20.18
C ALA K 153 12.83 -9.46 -19.91
N THR K 154 11.70 -9.79 -20.54
CA THR K 154 10.98 -11.02 -20.24
C THR K 154 10.80 -11.87 -21.50
N LYS K 155 11.68 -11.68 -22.49
CA LYS K 155 11.62 -12.34 -23.81
C LYS K 155 10.28 -12.12 -24.49
N ILE K 156 9.80 -10.88 -24.46
CA ILE K 156 8.53 -10.48 -25.07
C ILE K 156 8.87 -9.42 -26.10
N GLU K 157 8.24 -9.49 -27.27
CA GLU K 157 8.52 -8.52 -28.32
C GLU K 157 7.30 -7.68 -28.63
N CYS K 158 7.51 -6.37 -28.77
CA CYS K 158 6.45 -5.45 -29.15
C CYS K 158 6.05 -5.70 -30.60
N VAL K 159 4.77 -5.49 -30.92
CA VAL K 159 4.35 -5.57 -32.31
C VAL K 159 4.72 -4.22 -32.93
N ILE K 160 4.86 -4.18 -34.25
CA ILE K 160 5.25 -2.94 -34.89
C ILE K 160 4.05 -2.01 -35.04
N GLY K 161 4.14 -0.84 -34.42
CA GLY K 161 3.16 0.22 -34.59
C GLY K 161 2.23 0.53 -33.42
N ASP K 162 2.14 -0.37 -32.44
CA ASP K 162 1.14 -0.19 -31.38
C ASP K 162 1.78 0.20 -30.05
N CYS K 163 3.07 -0.12 -29.87
CA CYS K 163 3.81 0.37 -28.72
C CYS K 163 3.99 1.89 -28.85
N ASN K 164 4.12 2.56 -27.70
CA ASN K 164 4.22 4.02 -27.66
C ASN K 164 5.47 4.55 -28.32
N CYS K 165 6.53 3.75 -28.41
CA CYS K 165 7.76 4.14 -29.06
C CYS K 165 7.67 4.16 -30.58
N GLY K 166 6.63 3.57 -31.15
CA GLY K 166 6.46 3.62 -32.60
C GLY K 166 7.30 2.56 -33.28
N GLU K 167 8.15 3.00 -34.22
CA GLU K 167 8.93 2.08 -35.05
C GLU K 167 10.39 2.00 -34.63
N GLY K 168 10.87 2.93 -33.81
CA GLY K 168 12.25 2.88 -33.37
C GLY K 168 12.50 1.94 -32.21
N CYS K 169 11.49 1.20 -31.78
CA CYS K 169 11.60 0.22 -30.71
C CYS K 169 12.48 -0.93 -31.19
N GLN K 170 13.69 -1.04 -30.62
CA GLN K 170 14.61 -2.12 -30.97
C GLN K 170 14.11 -3.49 -30.52
N ASN K 171 13.18 -3.52 -29.57
CA ASN K 171 12.47 -4.75 -29.23
C ASN K 171 11.24 -4.90 -30.15
N GLN K 172 11.56 -4.99 -31.44
CA GLN K 172 10.64 -5.35 -32.50
C GLN K 172 11.32 -6.24 -33.53
N ARG K 173 12.49 -6.78 -33.21
CA ARG K 173 13.46 -7.18 -34.22
C ARG K 173 13.11 -8.48 -34.93
N PHE K 174 12.22 -9.30 -34.36
CA PHE K 174 11.77 -10.48 -35.10
C PHE K 174 10.86 -10.10 -36.26
N GLN K 175 10.18 -8.96 -36.14
CA GLN K 175 9.35 -8.43 -37.22
C GLN K 175 10.08 -7.48 -38.14
N ARG K 176 11.38 -7.23 -37.92
CA ARG K 176 12.14 -6.33 -38.76
C ARG K 176 13.51 -6.84 -39.16
N LYS K 177 13.92 -8.02 -38.66
CA LYS K 177 15.10 -8.77 -39.11
C LYS K 177 16.41 -7.99 -38.96
N GLN K 178 16.79 -7.74 -37.69
CA GLN K 178 18.08 -7.12 -37.38
C GLN K 178 19.11 -8.22 -37.08
N TYR K 179 19.21 -9.17 -38.00
CA TYR K 179 20.05 -10.36 -37.86
C TYR K 179 21.53 -9.99 -37.88
N ALA K 180 22.37 -10.94 -37.49
CA ALA K 180 23.82 -10.75 -37.52
C ALA K 180 24.35 -11.20 -38.88
N LYS K 181 25.68 -11.32 -39.01
CA LYS K 181 26.31 -11.67 -40.27
C LYS K 181 27.02 -13.01 -40.13
N VAL K 182 26.41 -14.05 -40.68
CA VAL K 182 27.02 -15.38 -40.77
C VAL K 182 27.06 -15.78 -42.23
N SER K 183 27.78 -16.88 -42.50
CA SER K 183 27.89 -17.45 -43.84
C SER K 183 28.11 -18.95 -43.71
N VAL K 184 28.06 -19.65 -44.85
CA VAL K 184 28.05 -21.10 -44.83
C VAL K 184 29.43 -21.62 -45.21
N ILE K 185 30.18 -22.12 -44.22
CA ILE K 185 31.50 -22.69 -44.47
C ILE K 185 31.38 -24.20 -44.54
N LYS K 186 32.06 -24.78 -45.53
CA LYS K 186 32.13 -26.22 -45.73
C LYS K 186 33.26 -26.80 -44.88
N THR K 187 32.93 -27.76 -44.03
CA THR K 187 33.90 -28.48 -43.22
C THR K 187 33.71 -29.97 -43.46
N GLU K 188 34.83 -30.70 -43.57
CA GLU K 188 34.77 -32.09 -44.01
C GLU K 188 34.22 -33.02 -42.93
N LYS K 189 34.27 -32.61 -41.66
CA LYS K 189 33.74 -33.42 -40.58
C LYS K 189 32.61 -32.75 -39.82
N LYS K 190 32.70 -31.44 -39.59
CA LYS K 190 31.61 -30.73 -38.94
C LYS K 190 30.47 -30.40 -39.90
N GLY K 191 30.66 -30.63 -41.19
CA GLY K 191 29.60 -30.39 -42.14
C GLY K 191 29.52 -28.96 -42.62
N TYR K 192 28.51 -28.23 -42.16
CA TYR K 192 28.27 -26.86 -42.60
C TYR K 192 28.17 -25.97 -41.38
N GLY K 193 29.03 -24.96 -41.34
CA GLY K 193 29.05 -24.08 -40.18
C GLY K 193 28.61 -22.68 -40.55
N LEU K 194 27.93 -22.05 -39.60
CA LEU K 194 27.63 -20.62 -39.67
C LEU K 194 28.85 -19.87 -39.18
N ARG K 195 29.75 -19.56 -40.10
CA ARG K 195 30.91 -18.74 -39.79
C ARG K 195 30.47 -17.30 -39.55
N ALA K 196 31.00 -16.70 -38.48
CA ALA K 196 30.74 -15.29 -38.23
C ALA K 196 31.46 -14.45 -39.26
N ASP K 197 30.79 -13.40 -39.75
CA ASP K 197 31.37 -12.53 -40.77
C ASP K 197 31.88 -11.22 -40.21
N THR K 198 31.24 -10.70 -39.17
CA THR K 198 31.77 -9.56 -38.41
C THR K 198 31.97 -10.00 -36.97
N ASP K 199 32.90 -9.34 -36.28
CA ASP K 199 33.21 -9.63 -34.90
C ASP K 199 32.04 -9.22 -34.02
N LEU K 200 31.43 -10.19 -33.35
CA LEU K 200 30.13 -10.00 -32.72
C LEU K 200 30.25 -9.72 -31.23
N GLN K 201 29.57 -8.65 -30.82
CA GLN K 201 29.43 -8.31 -29.42
C GLN K 201 28.63 -9.40 -28.69
N PRO K 202 29.04 -9.78 -27.47
CA PRO K 202 28.29 -10.79 -26.74
C PRO K 202 26.93 -10.28 -26.27
N ASN K 203 26.03 -11.23 -26.04
CA ASN K 203 24.66 -11.02 -25.53
C ASN K 203 23.86 -10.10 -26.46
N ASP K 204 23.65 -10.57 -27.68
CA ASP K 204 22.93 -9.83 -28.70
C ASP K 204 22.18 -10.78 -29.61
N PHE K 205 21.29 -10.21 -30.43
CA PHE K 205 20.54 -11.00 -31.41
C PHE K 205 21.48 -11.46 -32.52
N ILE K 206 21.50 -12.77 -32.75
CA ILE K 206 22.33 -13.32 -33.82
C ILE K 206 21.43 -13.78 -34.96
N TYR K 207 20.57 -14.76 -34.69
CA TYR K 207 19.71 -15.22 -35.78
C TYR K 207 18.44 -15.85 -35.20
N GLU K 208 17.59 -16.32 -36.12
CA GLU K 208 16.30 -16.90 -35.80
C GLU K 208 16.16 -18.23 -36.54
N TYR K 209 15.66 -19.25 -35.84
CA TYR K 209 15.40 -20.54 -36.46
C TYR K 209 13.92 -20.63 -36.83
N VAL K 210 13.62 -20.53 -38.12
CA VAL K 210 12.26 -20.55 -38.62
C VAL K 210 12.13 -21.71 -39.59
N GLY K 211 10.93 -22.30 -39.65
CA GLY K 211 10.67 -23.41 -40.54
C GLY K 211 9.20 -23.77 -40.57
N GLU K 212 8.90 -25.05 -40.51
CA GLU K 212 7.54 -25.56 -40.44
C GLU K 212 7.26 -26.09 -39.04
N VAL K 213 6.19 -25.59 -38.43
CA VAL K 213 5.77 -26.08 -37.12
C VAL K 213 4.59 -27.02 -37.29
N ILE K 214 4.69 -28.19 -36.69
CA ILE K 214 3.76 -29.29 -36.89
C ILE K 214 3.53 -30.00 -35.56
N ASN K 215 2.58 -30.92 -35.56
CA ASN K 215 2.18 -31.65 -34.36
C ASN K 215 2.80 -33.05 -34.36
N GLU K 216 2.38 -33.87 -33.38
CA GLU K 216 3.06 -35.15 -33.16
C GLU K 216 2.75 -36.25 -34.17
N PRO K 217 1.51 -36.49 -34.65
CA PRO K 217 1.37 -37.59 -35.62
C PRO K 217 1.90 -37.25 -37.01
N THR K 218 1.68 -36.01 -37.47
CA THR K 218 2.35 -35.57 -38.68
C THR K 218 3.86 -35.47 -38.50
N PHE K 219 4.32 -35.24 -37.25
CA PHE K 219 5.75 -35.16 -36.97
C PHE K 219 6.42 -36.52 -37.07
N ARG K 220 5.79 -37.55 -36.49
CA ARG K 220 6.34 -38.89 -36.64
C ARG K 220 6.14 -39.41 -38.08
N SER K 221 5.15 -38.89 -38.80
CA SER K 221 5.04 -39.18 -40.23
C SER K 221 6.21 -38.61 -41.01
N ARG K 222 6.60 -37.37 -40.69
CA ARG K 222 7.80 -36.77 -41.29
C ARG K 222 9.06 -37.54 -40.94
N MET K 223 9.17 -37.98 -39.68
CA MET K 223 10.30 -38.81 -39.25
C MET K 223 10.38 -40.11 -40.05
N LEU K 224 9.24 -40.80 -40.18
CA LEU K 224 9.20 -42.08 -40.88
C LEU K 224 9.49 -41.92 -42.36
N LYS K 225 8.93 -40.89 -43.01
CA LYS K 225 9.18 -40.71 -44.43
C LYS K 225 10.62 -40.27 -44.68
N TYR K 226 11.23 -39.51 -43.76
CA TYR K 226 12.59 -39.07 -43.97
C TYR K 226 13.61 -40.17 -43.71
N ASP K 227 13.41 -41.01 -42.69
CA ASP K 227 14.40 -42.07 -42.49
C ASP K 227 14.10 -43.30 -43.36
N LYS K 228 12.94 -43.34 -44.02
CA LYS K 228 12.76 -44.31 -45.09
C LYS K 228 13.34 -43.81 -46.40
N GLU K 229 13.31 -42.49 -46.63
CA GLU K 229 14.00 -41.90 -47.76
C GLU K 229 15.52 -41.99 -47.65
N GLY K 230 16.07 -41.81 -46.45
CA GLY K 230 17.49 -41.99 -46.26
C GLY K 230 18.29 -40.72 -46.13
N ILE K 231 17.79 -39.74 -45.39
CA ILE K 231 18.57 -38.54 -45.08
C ILE K 231 19.49 -38.85 -43.90
N LYS K 232 20.65 -38.21 -43.88
CA LYS K 232 21.58 -38.41 -42.76
C LYS K 232 21.63 -37.21 -41.83
N HIS K 233 20.82 -36.19 -42.09
CA HIS K 233 20.80 -34.98 -41.29
C HIS K 233 19.36 -34.64 -40.88
N PHE K 234 19.17 -34.41 -39.59
CA PHE K 234 17.86 -34.46 -38.96
C PHE K 234 17.59 -33.17 -38.21
N TYR K 235 16.47 -32.52 -38.53
CA TYR K 235 16.13 -31.21 -37.98
C TYR K 235 14.82 -31.27 -37.21
N PHE K 236 14.66 -32.27 -36.34
CA PHE K 236 13.39 -32.54 -35.68
C PHE K 236 13.38 -31.90 -34.29
N MET K 237 13.62 -30.59 -34.25
CA MET K 237 13.65 -29.85 -33.00
C MET K 237 12.22 -29.58 -32.51
N SER K 238 12.10 -29.23 -31.23
CA SER K 238 10.80 -29.01 -30.60
C SER K 238 10.72 -27.55 -30.15
N LEU K 239 9.75 -26.82 -30.72
CA LEU K 239 9.46 -25.47 -30.26
C LEU K 239 8.97 -25.50 -28.82
N THR K 240 7.81 -26.11 -28.61
CA THR K 240 7.30 -26.44 -27.30
C THR K 240 7.32 -27.97 -27.15
N LYS K 241 6.77 -28.48 -26.05
CA LYS K 241 6.73 -29.93 -25.86
C LYS K 241 5.78 -30.59 -26.85
N ASN K 242 4.69 -29.91 -27.21
CA ASN K 242 3.72 -30.50 -28.12
C ASN K 242 4.18 -30.39 -29.57
N GLU K 243 4.37 -29.17 -30.05
CA GLU K 243 4.70 -28.90 -31.44
C GLU K 243 6.18 -29.16 -31.70
N PHE K 244 6.54 -29.14 -32.98
CA PHE K 244 7.90 -29.40 -33.43
C PHE K 244 8.18 -28.53 -34.64
N VAL K 245 9.46 -28.25 -34.89
CA VAL K 245 9.86 -27.45 -36.05
C VAL K 245 10.72 -28.31 -36.96
N ASP K 246 10.75 -27.95 -38.24
CA ASP K 246 11.62 -28.58 -39.22
C ASP K 246 11.95 -27.58 -40.33
N ALA K 247 13.22 -27.54 -40.72
CA ALA K 247 13.67 -26.52 -41.67
C ALA K 247 14.22 -27.06 -42.98
N THR K 248 14.29 -28.38 -43.20
CA THR K 248 14.85 -28.88 -44.44
C THR K 248 13.92 -28.70 -45.63
N LYS K 249 12.62 -28.51 -45.39
CA LYS K 249 11.68 -28.25 -46.47
C LYS K 249 11.67 -26.78 -46.86
N LYS K 250 11.23 -25.92 -45.95
CA LYS K 250 11.16 -24.47 -46.17
C LYS K 250 11.75 -23.82 -44.92
N GLY K 251 13.07 -23.60 -44.92
CA GLY K 251 13.77 -23.06 -43.77
C GLY K 251 14.55 -21.82 -44.14
N ASN K 252 15.60 -21.57 -43.38
CA ASN K 252 16.39 -20.35 -43.54
C ASN K 252 17.84 -20.70 -43.19
N LEU K 253 18.65 -19.69 -42.91
CA LEU K 253 20.09 -19.88 -42.75
C LEU K 253 20.47 -20.53 -41.43
N GLY K 254 19.51 -20.78 -40.54
CA GLY K 254 19.82 -21.41 -39.27
C GLY K 254 20.02 -22.90 -39.31
N ARG K 255 20.03 -23.51 -40.50
CA ARG K 255 20.17 -24.96 -40.60
C ARG K 255 21.61 -25.41 -40.34
N PHE K 256 22.59 -24.64 -40.79
CA PHE K 256 23.98 -25.05 -40.83
C PHE K 256 24.66 -24.95 -39.46
N CYS K 257 24.20 -25.75 -38.51
CA CYS K 257 24.80 -25.80 -37.18
C CYS K 257 24.88 -27.24 -36.71
N ASN K 258 25.46 -27.41 -35.52
CA ASN K 258 25.71 -28.74 -34.97
C ASN K 258 25.60 -28.72 -33.45
N HIS K 259 26.16 -29.74 -32.80
CA HIS K 259 26.32 -29.76 -31.36
C HIS K 259 27.77 -29.54 -30.98
N SER K 260 28.00 -28.71 -29.96
CA SER K 260 29.31 -28.60 -29.33
C SER K 260 29.10 -28.68 -27.83
N CYS K 261 29.94 -29.47 -27.16
CA CYS K 261 29.82 -29.60 -25.71
C CYS K 261 30.25 -28.31 -25.00
N ASN K 262 31.09 -27.51 -25.65
CA ASN K 262 31.28 -26.12 -25.26
C ASN K 262 30.50 -25.25 -26.22
N PRO K 263 29.33 -24.76 -25.85
CA PRO K 263 28.58 -23.89 -26.74
C PRO K 263 29.18 -22.49 -26.78
N ASN K 264 28.99 -21.83 -27.91
CA ASN K 264 29.24 -20.40 -28.01
C ASN K 264 27.97 -19.58 -28.03
N CYS K 265 27.00 -19.92 -28.89
CA CYS K 265 25.66 -19.38 -28.84
C CYS K 265 24.78 -20.29 -27.99
N TYR K 266 23.49 -20.00 -28.02
CA TYR K 266 22.45 -20.79 -27.40
C TYR K 266 21.13 -20.43 -28.08
N VAL K 267 20.07 -21.17 -27.76
CA VAL K 267 18.78 -20.89 -28.34
C VAL K 267 17.77 -20.69 -27.22
N ASP K 268 16.93 -19.67 -27.34
CA ASP K 268 15.95 -19.35 -26.31
C ASP K 268 14.63 -18.98 -26.98
N LYS K 269 13.56 -19.28 -26.26
CA LYS K 269 12.21 -19.05 -26.77
C LYS K 269 11.80 -17.61 -26.54
N TRP K 270 11.18 -17.02 -27.56
CA TRP K 270 10.61 -15.69 -27.46
C TRP K 270 9.17 -15.76 -27.96
N VAL K 271 8.43 -14.66 -27.79
CA VAL K 271 7.07 -14.58 -28.25
C VAL K 271 6.95 -13.36 -29.17
N VAL K 272 6.26 -13.52 -30.29
CA VAL K 272 6.07 -12.45 -31.26
C VAL K 272 4.74 -12.74 -31.99
N GLY K 273 3.84 -11.75 -31.94
CA GLY K 273 2.55 -11.84 -32.61
C GLY K 273 1.66 -12.95 -32.08
N ASP K 274 1.73 -13.16 -30.76
CA ASP K 274 1.10 -14.29 -30.05
C ASP K 274 1.59 -15.64 -30.55
N LYS K 275 2.79 -15.67 -31.14
CA LYS K 275 3.37 -16.88 -31.73
C LYS K 275 4.68 -17.15 -31.01
N LEU K 276 4.81 -18.38 -30.50
CA LEU K 276 6.04 -18.79 -29.84
C LEU K 276 7.09 -19.08 -30.90
N ARG K 277 8.25 -18.44 -30.79
CA ARG K 277 9.34 -18.63 -31.75
C ARG K 277 10.65 -18.87 -31.03
N MET K 278 11.69 -19.12 -31.83
CA MET K 278 12.99 -19.51 -31.33
C MET K 278 14.03 -18.52 -31.83
N GLY K 279 15.01 -18.21 -30.99
CA GLY K 279 16.09 -17.34 -31.43
C GLY K 279 17.43 -17.76 -30.90
N ILE K 280 18.46 -17.75 -31.75
CA ILE K 280 19.81 -18.07 -31.31
C ILE K 280 20.57 -16.79 -31.02
N PHE K 281 21.13 -16.75 -29.81
CA PHE K 281 21.79 -15.61 -29.21
C PHE K 281 23.20 -16.00 -28.77
N ALA K 282 24.11 -15.03 -28.80
CA ALA K 282 25.45 -15.26 -28.28
C ALA K 282 25.50 -14.96 -26.80
N ALA K 283 26.52 -15.51 -26.13
CA ALA K 283 26.76 -15.23 -24.72
C ALA K 283 28.19 -14.79 -24.46
N ARG K 284 29.14 -15.38 -25.17
CA ARG K 284 30.55 -15.05 -25.05
C ARG K 284 30.97 -14.16 -26.21
N TYR K 285 32.23 -13.72 -26.17
CA TYR K 285 32.77 -12.91 -27.26
C TYR K 285 32.93 -13.76 -28.52
N ILE K 286 32.45 -13.22 -29.64
CA ILE K 286 32.39 -13.96 -30.90
C ILE K 286 33.21 -13.19 -31.93
N LYS K 287 34.20 -13.85 -32.51
CA LYS K 287 35.06 -13.24 -33.52
C LYS K 287 34.65 -13.77 -34.89
N ALA K 288 34.88 -12.95 -35.91
CA ALA K 288 34.50 -13.28 -37.27
C ALA K 288 35.32 -14.45 -37.81
N GLY K 289 34.65 -15.54 -38.12
CA GLY K 289 35.31 -16.66 -38.79
C GLY K 289 34.94 -18.03 -38.27
N GLU K 290 34.59 -18.13 -36.98
CA GLU K 290 34.34 -19.41 -36.34
C GLU K 290 32.85 -19.72 -36.40
N GLU K 291 32.53 -21.01 -36.52
CA GLU K 291 31.15 -21.44 -36.65
C GLU K 291 30.43 -21.30 -35.31
N LEU K 292 29.17 -20.86 -35.38
CA LEU K 292 28.42 -20.64 -34.14
C LEU K 292 27.61 -21.87 -33.79
N VAL K 293 28.19 -22.71 -32.93
CA VAL K 293 27.65 -24.03 -32.64
C VAL K 293 27.36 -24.13 -31.15
N PHE K 294 26.20 -24.66 -30.82
CA PHE K 294 25.68 -24.61 -29.45
C PHE K 294 25.38 -26.02 -28.98
N ASN K 295 24.70 -26.12 -27.84
CA ASN K 295 24.22 -27.40 -27.30
C ASN K 295 22.87 -27.71 -27.94
N TYR K 296 22.84 -28.76 -28.76
CA TYR K 296 21.56 -29.28 -29.26
C TYR K 296 20.70 -29.81 -28.12
N ASN K 297 21.28 -30.64 -27.26
CA ASN K 297 20.60 -31.41 -26.21
C ASN K 297 19.49 -32.27 -26.83
N VAL K 298 19.93 -33.18 -27.70
CA VAL K 298 19.04 -34.06 -28.44
C VAL K 298 18.73 -35.31 -27.62
N ASP K 299 17.48 -35.76 -27.68
CA ASP K 299 17.12 -37.10 -27.22
C ASP K 299 16.80 -37.93 -28.45
N ARG K 300 17.85 -38.47 -29.06
CA ARG K 300 17.73 -39.16 -30.34
C ARG K 300 17.06 -40.53 -30.16
N TYR K 301 16.18 -40.87 -31.10
CA TYR K 301 15.50 -42.15 -31.06
C TYR K 301 16.38 -43.27 -31.62
N GLY K 302 17.41 -42.89 -32.38
CA GLY K 302 18.34 -43.87 -32.89
C GLY K 302 19.41 -44.24 -31.88
N ALA K 303 20.28 -45.16 -32.29
CA ALA K 303 21.30 -45.71 -31.41
C ALA K 303 22.71 -45.21 -31.73
N ASP K 304 22.99 -44.91 -33.00
CA ASP K 304 24.33 -44.57 -33.45
C ASP K 304 24.28 -43.14 -33.99
N PRO K 305 24.68 -42.16 -33.16
CA PRO K 305 24.84 -40.81 -33.68
C PRO K 305 26.20 -40.62 -34.32
N GLN K 306 26.39 -39.50 -35.01
CA GLN K 306 27.74 -39.12 -35.41
C GLN K 306 28.48 -38.64 -34.16
N PRO K 307 29.77 -38.89 -34.03
CA PRO K 307 30.49 -38.49 -32.82
C PRO K 307 30.62 -36.97 -32.73
N CYS K 308 30.66 -36.47 -31.50
CA CYS K 308 30.91 -35.06 -31.26
C CYS K 308 32.36 -34.75 -31.62
N TYR K 309 32.56 -34.04 -32.73
CA TYR K 309 33.89 -33.69 -33.20
C TYR K 309 34.41 -32.39 -32.59
N CYS K 310 33.90 -32.01 -31.41
CA CYS K 310 34.41 -30.84 -30.71
C CYS K 310 35.85 -31.03 -30.25
N GLY K 311 36.24 -32.27 -29.95
CA GLY K 311 37.61 -32.58 -29.57
C GLY K 311 38.05 -32.05 -28.24
N GLU K 312 37.12 -31.73 -27.34
CA GLU K 312 37.47 -31.12 -26.07
C GLU K 312 37.43 -32.18 -24.97
N PRO K 313 38.10 -31.93 -23.84
CA PRO K 313 37.94 -32.83 -22.69
C PRO K 313 36.56 -32.79 -22.05
N ASN K 314 35.73 -31.79 -22.35
CA ASN K 314 34.35 -31.76 -21.89
C ASN K 314 33.42 -32.60 -22.75
N CYS K 315 33.87 -33.02 -23.93
CA CYS K 315 33.06 -33.87 -24.78
C CYS K 315 33.23 -35.33 -24.37
N VAL K 316 32.09 -36.03 -24.20
CA VAL K 316 32.11 -37.43 -23.81
C VAL K 316 32.21 -38.36 -25.01
N GLY K 317 32.44 -37.83 -26.20
CA GLY K 317 32.45 -38.61 -27.43
C GLY K 317 31.15 -38.49 -28.18
N PHE K 318 30.03 -38.48 -27.45
CA PHE K 318 28.71 -38.30 -28.04
C PHE K 318 28.14 -36.99 -27.51
N ILE K 319 26.88 -36.73 -27.85
CA ILE K 319 26.27 -35.43 -27.61
C ILE K 319 25.84 -35.29 -26.15
N GLY K 320 24.89 -36.12 -25.72
CA GLY K 320 24.37 -36.03 -24.37
C GLY K 320 23.10 -35.20 -24.29
N GLY K 321 21.96 -35.85 -24.07
CA GLY K 321 20.70 -35.15 -23.95
C GLY K 321 20.11 -35.24 -22.55
N LYS K 322 18.81 -35.53 -22.46
CA LYS K 322 18.14 -35.71 -21.19
C LYS K 322 17.64 -37.13 -20.99
N THR K 323 16.83 -37.64 -21.92
CA THR K 323 16.28 -38.99 -21.81
C THR K 323 16.84 -39.87 -22.92
N GLN K 324 16.79 -41.18 -22.70
CA GLN K 324 17.29 -42.16 -23.67
C GLN K 324 16.15 -42.67 -24.53
N THR K 325 15.44 -41.73 -25.15
CA THR K 325 14.37 -42.09 -26.08
C THR K 325 14.92 -42.35 -27.47
#